data_2DBZ
#
_entry.id   2DBZ
#
_cell.length_a   104.472
_cell.length_b   104.472
_cell.length_c   182.079
_cell.angle_alpha   90.00
_cell.angle_beta   90.00
_cell.angle_gamma   120.00
#
_symmetry.space_group_name_H-M   'P 61'
#
loop_
_entity.id
_entity.type
_entity.pdbx_description
1 polymer 'Glyoxylate reductase'
2 non-polymer 'SULFATE ION'
3 non-polymer 'NADP NICOTINAMIDE-ADENINE-DINUCLEOTIDE PHOSPHATE'
4 water water
#
_entity_poly.entity_id   1
_entity_poly.type   'polypeptide(L)'
_entity_poly.pdbx_seq_one_letter_code
;MKPKVFITREIPEVGIKMLEDEFEVEVWGDEKEIPREILLKKVKEVDALVTMLSERIDKEVFENAPKLRIVANYAVGYDN
IDIEEATKRGIYVTNTPDVLTDATADLAFALLLATARHVVKGDRFVRSGEWKKRGVAWHPKWFLGYDVYGKTIGIIGLGR
IGQAIAKRAKGFNMRILYYSRTRKEEVERELNAEFKPLEDLLRESDFVVLAVPLTRETYHLINEERLKLMKKTAILINIA
RGKVVDTNALVKALKEGWIAGAGLDVFEEEPYYNEELFKLDNVVLTPHIGSASFGAREGMAELVAKNLIAFKRGEIPPTL
VNREVIKIRKPGFE
;
_entity_poly.pdbx_strand_id   A,B
#
loop_
_chem_comp.id
_chem_comp.type
_chem_comp.name
_chem_comp.formula
NAP non-polymer 'NADP NICOTINAMIDE-ADENINE-DINUCLEOTIDE PHOSPHATE' 'C21 H28 N7 O17 P3'
SO4 non-polymer 'SULFATE ION' 'O4 S -2'
#
# COMPACT_ATOMS: atom_id res chain seq x y z
N MET A 1 3.19 17.71 42.75
CA MET A 1 3.00 16.47 41.94
C MET A 1 2.96 15.23 42.84
N LYS A 2 2.03 15.24 43.78
CA LYS A 2 1.86 14.13 44.70
C LYS A 2 1.41 12.83 44.00
N PRO A 3 0.44 12.90 43.05
CA PRO A 3 -0.05 11.70 42.35
C PRO A 3 1.04 10.81 41.72
N LYS A 4 0.95 9.50 41.96
CA LYS A 4 1.92 8.56 41.41
C LYS A 4 1.34 7.83 40.20
N VAL A 5 2.15 7.64 39.17
CA VAL A 5 1.67 6.94 37.99
C VAL A 5 2.78 6.04 37.50
N PHE A 6 2.43 4.84 37.04
CA PHE A 6 3.42 3.89 36.51
C PHE A 6 3.04 3.50 35.08
N ILE A 7 3.89 3.84 34.10
CA ILE A 7 3.65 3.51 32.70
C ILE A 7 4.37 2.18 32.45
N THR A 8 3.65 1.21 31.90
CA THR A 8 4.22 -0.11 31.67
C THR A 8 5.15 -0.25 30.48
N ARG A 9 5.34 0.83 29.73
CA ARG A 9 6.27 0.75 28.60
C ARG A 9 6.69 2.16 28.24
N GLU A 10 7.86 2.30 27.64
CA GLU A 10 8.30 3.65 27.29
C GLU A 10 7.54 4.32 26.12
N ILE A 11 6.49 5.06 26.44
CA ILE A 11 5.74 5.77 25.42
C ILE A 11 6.57 6.99 25.06
N PRO A 12 6.26 7.62 23.91
CA PRO A 12 6.96 8.80 23.41
C PRO A 12 7.16 9.77 24.58
N GLU A 13 8.35 10.35 24.65
CA GLU A 13 8.72 11.26 25.72
C GLU A 13 7.78 12.46 25.94
N VAL A 14 7.12 12.95 24.89
CA VAL A 14 6.22 14.10 25.05
C VAL A 14 5.10 13.84 26.06
N GLY A 15 4.66 12.59 26.15
CA GLY A 15 3.62 12.25 27.12
C GLY A 15 4.17 12.29 28.53
N ILE A 16 5.35 11.67 28.72
CA ILE A 16 6.04 11.61 30.01
C ILE A 16 6.28 13.03 30.52
N LYS A 17 6.84 13.88 29.68
CA LYS A 17 7.09 15.27 30.08
C LYS A 17 5.82 15.95 30.54
N MET A 18 4.72 15.78 29.80
CA MET A 18 3.45 16.38 30.17
C MET A 18 3.01 15.99 31.59
N LEU A 19 3.25 14.74 31.96
CA LEU A 19 2.91 14.23 33.28
C LEU A 19 3.96 14.59 34.36
N GLU A 20 5.24 14.55 34.00
CA GLU A 20 6.36 14.86 34.91
C GLU A 20 6.05 15.92 35.97
N ASP A 21 5.54 17.07 35.53
CA ASP A 21 5.23 18.19 36.41
C ASP A 21 3.90 18.12 37.17
N GLU A 22 3.17 17.02 37.03
CA GLU A 22 1.87 16.91 37.72
C GLU A 22 1.83 15.59 38.47
N PHE A 23 2.72 14.68 38.08
CA PHE A 23 2.77 13.37 38.70
C PHE A 23 4.19 12.97 39.02
N GLU A 24 4.28 11.86 39.72
CA GLU A 24 5.54 11.25 40.05
C GLU A 24 5.52 10.09 39.06
N VAL A 25 6.30 10.23 38.00
CA VAL A 25 6.33 9.24 36.95
C VAL A 25 7.42 8.16 36.96
N GLU A 26 6.99 6.91 36.91
CA GLU A 26 7.93 5.82 36.84
C GLU A 26 7.56 5.09 35.54
N VAL A 27 8.54 4.54 34.82
CA VAL A 27 8.26 3.87 33.57
C VAL A 27 9.04 2.57 33.40
N TRP A 28 8.36 1.49 33.01
CA TRP A 28 9.06 0.21 32.78
C TRP A 28 10.00 0.43 31.57
N GLY A 29 11.28 0.13 31.76
CA GLY A 29 12.26 0.37 30.71
C GLY A 29 12.65 -0.75 29.77
N ASP A 30 12.24 -1.98 30.05
CA ASP A 30 12.59 -3.07 29.15
C ASP A 30 11.65 -3.02 27.94
N GLU A 31 12.05 -3.62 26.82
CA GLU A 31 11.20 -3.60 25.63
C GLU A 31 10.13 -4.69 25.64
N LYS A 32 10.41 -5.78 26.36
CA LYS A 32 9.46 -6.87 26.44
C LYS A 32 8.44 -6.50 27.49
N GLU A 33 7.28 -7.12 27.39
CA GLU A 33 6.21 -6.84 28.34
C GLU A 33 6.68 -7.13 29.78
N ILE A 34 6.28 -6.26 30.70
CA ILE A 34 6.66 -6.41 32.10
C ILE A 34 6.08 -7.68 32.74
N PRO A 35 6.93 -8.51 33.41
CA PRO A 35 6.39 -9.72 34.03
C PRO A 35 5.33 -9.34 35.07
N ARG A 36 4.25 -10.12 35.12
CA ARG A 36 3.13 -9.90 36.05
C ARG A 36 3.59 -9.82 37.50
N GLU A 37 4.58 -10.64 37.81
CA GLU A 37 5.17 -10.71 39.13
C GLU A 37 5.61 -9.32 39.57
N ILE A 38 6.46 -8.69 38.75
CA ILE A 38 6.98 -7.36 39.02
C ILE A 38 5.87 -6.32 38.98
N LEU A 39 4.96 -6.48 38.05
CA LEU A 39 3.86 -5.55 37.88
C LEU A 39 3.01 -5.41 39.13
N LEU A 40 2.56 -6.55 39.65
CA LEU A 40 1.74 -6.58 40.85
C LEU A 40 2.43 -5.77 41.95
N LYS A 41 3.76 -5.90 42.00
CA LYS A 41 4.57 -5.23 43.00
C LYS A 41 4.67 -3.72 42.79
N LYS A 42 4.75 -3.29 41.53
CA LYS A 42 4.87 -1.88 41.19
C LYS A 42 3.59 -1.04 41.35
N VAL A 43 2.44 -1.68 41.27
CA VAL A 43 1.17 -0.96 41.36
C VAL A 43 0.65 -0.68 42.77
N LYS A 44 1.36 -1.17 43.78
CA LYS A 44 0.95 -1.00 45.17
C LYS A 44 0.60 0.41 45.61
N GLU A 45 1.47 1.36 45.33
CA GLU A 45 1.27 2.74 45.74
C GLU A 45 0.83 3.69 44.64
N VAL A 46 0.54 3.16 43.45
CA VAL A 46 0.15 4.02 42.33
C VAL A 46 -1.31 4.46 42.30
N ASP A 47 -1.52 5.72 41.92
CA ASP A 47 -2.83 6.35 41.78
C ASP A 47 -3.35 6.13 40.35
N ALA A 48 -2.46 6.34 39.37
CA ALA A 48 -2.78 6.17 37.96
C ALA A 48 -1.95 5.06 37.36
N LEU A 49 -2.44 4.45 36.29
CA LEU A 49 -1.72 3.38 35.62
C LEU A 49 -1.86 3.53 34.10
N VAL A 50 -0.73 3.45 33.38
CA VAL A 50 -0.73 3.55 31.91
C VAL A 50 -0.28 2.19 31.38
N THR A 51 -1.21 1.49 30.75
CA THR A 51 -0.90 0.16 30.24
C THR A 51 -0.91 0.09 28.73
N MET A 52 -0.45 -1.04 28.20
CA MET A 52 -0.39 -1.33 26.76
C MET A 52 -1.41 -2.42 26.41
N LEU A 53 -1.62 -2.64 25.11
CA LEU A 53 -2.55 -3.66 24.60
C LEU A 53 -2.20 -5.04 25.12
N SER A 54 -0.90 -5.32 25.14
CA SER A 54 -0.36 -6.61 25.54
C SER A 54 -0.59 -7.03 26.99
N GLU A 55 -0.78 -6.05 27.87
CA GLU A 55 -1.00 -6.35 29.29
C GLU A 55 -2.48 -6.58 29.66
N ARG A 56 -2.74 -7.68 30.37
CA ARG A 56 -4.07 -8.03 30.81
C ARG A 56 -4.34 -7.42 32.20
N ILE A 57 -5.07 -6.31 32.23
CA ILE A 57 -5.38 -5.61 33.48
C ILE A 57 -6.69 -6.09 34.10
N ASP A 58 -6.63 -7.27 34.71
CA ASP A 58 -7.80 -7.90 35.34
C ASP A 58 -7.99 -7.55 36.80
N LYS A 59 -8.86 -8.31 37.45
CA LYS A 59 -9.18 -8.13 38.86
C LYS A 59 -7.95 -8.24 39.78
N GLU A 60 -7.14 -9.28 39.58
CA GLU A 60 -5.93 -9.51 40.37
C GLU A 60 -5.05 -8.27 40.43
N VAL A 61 -5.09 -7.49 39.36
CA VAL A 61 -4.32 -6.26 39.29
C VAL A 61 -4.98 -5.18 40.12
N PHE A 62 -6.28 -4.99 39.93
CA PHE A 62 -7.03 -3.99 40.67
C PHE A 62 -6.94 -4.19 42.18
N GLU A 63 -6.74 -5.44 42.58
CA GLU A 63 -6.61 -5.76 43.99
C GLU A 63 -5.32 -5.18 44.54
N ASN A 64 -4.20 -5.66 44.03
CA ASN A 64 -2.90 -5.20 44.49
C ASN A 64 -2.65 -3.71 44.25
N ALA A 65 -3.68 -2.98 43.89
CA ALA A 65 -3.56 -1.53 43.63
C ALA A 65 -4.68 -0.80 44.36
N PRO A 66 -4.55 -0.72 45.69
CA PRO A 66 -5.50 -0.07 46.61
C PRO A 66 -5.79 1.40 46.32
N LYS A 67 -4.82 2.12 45.80
CA LYS A 67 -5.00 3.53 45.50
C LYS A 67 -5.36 3.82 44.04
N LEU A 68 -5.05 2.87 43.16
CA LEU A 68 -5.32 2.99 41.73
C LEU A 68 -6.76 3.44 41.39
N ARG A 69 -6.90 4.68 40.93
CA ARG A 69 -8.21 5.22 40.58
C ARG A 69 -8.40 5.54 39.09
N ILE A 70 -7.39 5.26 38.26
CA ILE A 70 -7.50 5.54 36.84
C ILE A 70 -6.48 4.75 36.04
N VAL A 71 -6.95 4.02 35.04
CA VAL A 71 -6.06 3.22 34.18
C VAL A 71 -6.20 3.74 32.77
N ALA A 72 -5.15 4.40 32.26
CA ALA A 72 -5.15 4.93 30.90
C ALA A 72 -4.48 3.93 29.98
N ASN A 73 -5.27 3.33 29.09
CA ASN A 73 -4.72 2.37 28.16
C ASN A 73 -4.12 3.21 27.03
N TYR A 74 -2.95 2.78 26.56
CA TYR A 74 -2.21 3.42 25.48
C TYR A 74 -2.59 2.66 24.21
N ALA A 75 -3.89 2.70 23.92
CA ALA A 75 -4.49 2.02 22.78
C ALA A 75 -5.95 2.45 22.66
N VAL A 76 -6.55 2.25 21.49
CA VAL A 76 -7.94 2.66 21.35
C VAL A 76 -8.77 1.49 21.80
N GLY A 77 -8.28 0.29 21.53
CA GLY A 77 -9.01 -0.90 21.96
C GLY A 77 -8.81 -1.06 23.47
N TYR A 78 -9.67 -1.83 24.13
CA TYR A 78 -9.53 -2.05 25.58
C TYR A 78 -10.01 -3.42 26.04
N ASP A 79 -9.96 -4.41 25.15
CA ASP A 79 -10.36 -5.77 25.49
C ASP A 79 -9.30 -6.48 26.36
N ASN A 80 -8.27 -5.72 26.76
CA ASN A 80 -7.20 -6.27 27.57
C ASN A 80 -7.46 -5.90 29.03
N ILE A 81 -8.48 -5.07 29.23
CA ILE A 81 -8.85 -4.59 30.54
C ILE A 81 -10.21 -5.18 30.94
N ASP A 82 -10.37 -5.50 32.21
CA ASP A 82 -11.61 -6.03 32.75
C ASP A 82 -12.47 -4.80 33.12
N ILE A 83 -12.92 -4.06 32.11
CA ILE A 83 -13.70 -2.84 32.36
C ILE A 83 -14.82 -3.00 33.38
N GLU A 84 -15.42 -4.18 33.45
CA GLU A 84 -16.51 -4.39 34.38
C GLU A 84 -16.04 -4.29 35.83
N GLU A 85 -15.01 -5.07 36.15
CA GLU A 85 -14.42 -5.10 37.48
C GLU A 85 -13.87 -3.74 37.89
N ALA A 86 -13.48 -2.94 36.89
CA ALA A 86 -12.94 -1.62 37.14
C ALA A 86 -14.03 -0.64 37.50
N THR A 87 -15.11 -0.61 36.73
CA THR A 87 -16.20 0.32 37.01
C THR A 87 -16.76 0.02 38.40
N LYS A 88 -16.67 -1.25 38.78
CA LYS A 88 -17.15 -1.70 40.09
C LYS A 88 -16.33 -1.01 41.18
N ARG A 89 -15.02 -1.19 41.11
CA ARG A 89 -14.11 -0.61 42.09
C ARG A 89 -13.92 0.90 41.94
N GLY A 90 -14.79 1.55 41.18
CA GLY A 90 -14.68 3.01 40.99
C GLY A 90 -13.44 3.48 40.26
N ILE A 91 -12.87 2.61 39.42
CA ILE A 91 -11.67 2.93 38.65
C ILE A 91 -11.98 3.35 37.21
N TYR A 92 -11.58 4.57 36.87
CA TYR A 92 -11.79 5.12 35.53
C TYR A 92 -10.84 4.53 34.49
N VAL A 93 -11.40 4.09 33.37
CA VAL A 93 -10.61 3.52 32.29
C VAL A 93 -10.70 4.40 31.03
N THR A 94 -9.56 4.94 30.58
CA THR A 94 -9.51 5.75 29.34
C THR A 94 -8.72 5.04 28.24
N ASN A 95 -8.90 5.48 26.99
CA ASN A 95 -8.19 4.90 25.86
C ASN A 95 -7.74 6.04 24.96
N THR A 96 -7.16 5.73 23.80
CA THR A 96 -6.70 6.80 22.93
C THR A 96 -7.29 6.75 21.53
N PRO A 97 -8.57 7.11 21.40
CA PRO A 97 -9.24 7.09 20.08
C PRO A 97 -8.89 8.35 19.27
N ASP A 98 -9.18 8.30 17.97
CA ASP A 98 -8.97 9.42 17.02
C ASP A 98 -7.57 9.84 16.66
N VAL A 99 -6.68 9.81 17.65
CA VAL A 99 -5.31 10.24 17.40
C VAL A 99 -4.58 9.24 16.54
N LEU A 100 -5.00 7.98 16.58
CA LEU A 100 -4.34 6.93 15.80
C LEU A 100 -5.16 6.44 14.60
N THR A 101 -6.31 7.07 14.40
CA THR A 101 -7.24 6.69 13.32
C THR A 101 -6.58 6.66 11.96
N ASP A 102 -5.99 7.78 11.59
CA ASP A 102 -5.36 7.89 10.29
C ASP A 102 -4.19 6.97 10.03
N ALA A 103 -3.42 6.68 11.09
CA ALA A 103 -2.28 5.81 10.94
C ALA A 103 -2.82 4.40 10.72
N THR A 104 -3.87 4.03 11.45
CA THR A 104 -4.39 2.68 11.25
C THR A 104 -5.04 2.53 9.89
N ALA A 105 -5.80 3.54 9.45
CA ALA A 105 -6.45 3.45 8.14
C ALA A 105 -5.38 3.37 7.08
N ASP A 106 -4.34 4.18 7.25
CA ASP A 106 -3.24 4.18 6.31
C ASP A 106 -2.64 2.75 6.25
N LEU A 107 -2.37 2.14 7.41
CA LEU A 107 -1.79 0.79 7.37
C LEU A 107 -2.77 -0.22 6.73
N ALA A 108 -4.05 -0.10 7.07
CA ALA A 108 -5.07 -1.00 6.50
C ALA A 108 -5.00 -0.94 4.98
N PHE A 109 -4.93 0.27 4.42
CA PHE A 109 -4.85 0.34 2.96
C PHE A 109 -3.51 -0.14 2.43
N ALA A 110 -2.47 -0.01 3.25
CA ALA A 110 -1.18 -0.47 2.77
C ALA A 110 -1.25 -2.00 2.64
N LEU A 111 -1.94 -2.67 3.56
CA LEU A 111 -2.02 -4.14 3.51
C LEU A 111 -2.86 -4.57 2.32
N LEU A 112 -3.97 -3.86 2.14
CA LEU A 112 -4.87 -4.11 1.03
C LEU A 112 -4.08 -4.09 -0.28
N LEU A 113 -3.37 -3.00 -0.55
CA LEU A 113 -2.62 -2.92 -1.81
C LEU A 113 -1.44 -3.90 -1.92
N ALA A 114 -0.72 -4.12 -0.83
CA ALA A 114 0.41 -5.03 -0.85
C ALA A 114 -0.06 -6.48 -1.11
N THR A 115 -1.16 -6.90 -0.50
CA THR A 115 -1.64 -8.25 -0.73
C THR A 115 -2.17 -8.39 -2.18
N ALA A 116 -2.95 -7.40 -2.62
CA ALA A 116 -3.53 -7.38 -3.95
C ALA A 116 -2.53 -7.40 -5.08
N ARG A 117 -1.38 -6.77 -4.82
CA ARG A 117 -0.40 -6.64 -5.87
C ARG A 117 0.91 -7.36 -5.68
N HIS A 118 0.98 -8.21 -4.67
CA HIS A 118 2.16 -9.00 -4.39
C HIS A 118 3.41 -8.13 -4.13
N VAL A 119 3.28 -7.11 -3.30
CA VAL A 119 4.44 -6.25 -3.05
C VAL A 119 5.57 -6.94 -2.30
N VAL A 120 5.22 -7.60 -1.20
CA VAL A 120 6.19 -8.32 -0.38
C VAL A 120 6.90 -9.42 -1.18
N LYS A 121 6.11 -10.17 -1.95
CA LYS A 121 6.66 -11.23 -2.76
C LYS A 121 7.59 -10.66 -3.82
N GLY A 122 7.16 -9.60 -4.48
CA GLY A 122 7.97 -9.00 -5.52
C GLY A 122 9.30 -8.49 -5.00
N ASP A 123 9.27 -7.96 -3.78
CA ASP A 123 10.46 -7.43 -3.14
C ASP A 123 11.46 -8.54 -2.84
N ARG A 124 10.97 -9.63 -2.26
CA ARG A 124 11.81 -10.78 -1.96
C ARG A 124 12.46 -11.25 -3.29
N PHE A 125 11.66 -11.38 -4.34
CA PHE A 125 12.13 -11.79 -5.66
C PHE A 125 13.24 -10.90 -6.19
N VAL A 126 13.07 -9.58 -6.04
CA VAL A 126 14.08 -8.64 -6.50
C VAL A 126 15.30 -8.63 -5.59
N ARG A 127 15.05 -8.38 -4.32
CA ARG A 127 16.10 -8.29 -3.31
C ARG A 127 16.99 -9.50 -3.15
N SER A 128 16.44 -10.69 -3.32
CA SER A 128 17.20 -11.93 -3.17
C SER A 128 18.09 -12.20 -4.38
N GLY A 129 17.96 -11.38 -5.43
CA GLY A 129 18.74 -11.57 -6.63
C GLY A 129 18.09 -12.55 -7.59
N GLU A 130 17.07 -13.23 -7.11
CA GLU A 130 16.36 -14.19 -7.92
C GLU A 130 15.89 -13.61 -9.27
N TRP A 131 15.45 -12.34 -9.27
CA TRP A 131 14.96 -11.72 -10.50
C TRP A 131 16.07 -11.58 -11.52
N LYS A 132 17.23 -11.12 -11.06
CA LYS A 132 18.39 -10.95 -11.92
C LYS A 132 18.81 -12.32 -12.43
N LYS A 133 18.94 -13.26 -11.50
CA LYS A 133 19.34 -14.63 -11.80
C LYS A 133 18.55 -15.25 -12.94
N ARG A 134 17.23 -15.11 -12.92
CA ARG A 134 16.39 -15.70 -13.95
C ARG A 134 16.48 -15.09 -15.35
N GLY A 135 17.07 -13.91 -15.47
CA GLY A 135 17.22 -13.30 -16.78
C GLY A 135 16.03 -12.67 -17.45
N VAL A 136 14.86 -12.67 -16.79
CA VAL A 136 13.69 -12.04 -17.39
C VAL A 136 13.47 -10.65 -16.80
N ALA A 137 13.31 -9.69 -17.69
CA ALA A 137 13.10 -8.32 -17.26
C ALA A 137 11.63 -8.04 -16.95
N TRP A 138 10.80 -8.13 -17.98
CA TRP A 138 9.40 -7.83 -17.85
C TRP A 138 8.62 -8.87 -18.63
N HIS A 139 7.63 -9.48 -17.97
CA HIS A 139 6.80 -10.51 -18.60
C HIS A 139 5.28 -10.23 -18.45
N PRO A 140 4.50 -10.25 -19.55
CA PRO A 140 3.05 -9.99 -19.57
C PRO A 140 2.19 -10.66 -18.49
N LYS A 141 2.62 -11.85 -18.07
CA LYS A 141 1.88 -12.63 -17.07
C LYS A 141 2.57 -12.82 -15.72
N TRP A 142 3.55 -11.98 -15.41
CA TRP A 142 4.25 -12.11 -14.13
C TRP A 142 3.62 -11.27 -12.99
N PHE A 143 3.57 -11.87 -11.80
CA PHE A 143 3.04 -11.20 -10.62
C PHE A 143 1.67 -10.54 -10.82
N LEU A 144 0.86 -11.09 -11.72
CA LEU A 144 -0.46 -10.54 -11.97
C LEU A 144 -1.24 -10.42 -10.65
N GLY A 145 -1.73 -9.22 -10.37
CA GLY A 145 -2.50 -9.01 -9.15
C GLY A 145 -3.89 -8.47 -9.45
N TYR A 146 -4.65 -8.21 -8.39
CA TYR A 146 -6.02 -7.70 -8.50
C TYR A 146 -6.15 -6.19 -8.55
N ASP A 147 -7.07 -5.71 -9.37
CA ASP A 147 -7.36 -4.27 -9.47
C ASP A 147 -8.03 -3.82 -8.16
N VAL A 148 -7.80 -2.55 -7.81
CA VAL A 148 -8.40 -1.98 -6.61
C VAL A 148 -9.40 -0.88 -6.99
N TYR A 149 -8.97 -0.01 -7.89
CA TYR A 149 -9.79 1.10 -8.31
C TYR A 149 -11.12 0.62 -8.89
N GLY A 150 -12.21 1.24 -8.45
CA GLY A 150 -13.50 0.85 -8.96
C GLY A 150 -14.09 -0.42 -8.36
N LYS A 151 -13.30 -1.19 -7.62
CA LYS A 151 -13.80 -2.39 -7.00
C LYS A 151 -14.68 -2.15 -5.79
N THR A 152 -15.24 -3.23 -5.25
CA THR A 152 -16.10 -3.12 -4.07
C THR A 152 -15.34 -3.54 -2.82
N ILE A 153 -15.42 -2.71 -1.80
CA ILE A 153 -14.78 -2.95 -0.52
C ILE A 153 -15.86 -3.05 0.55
N GLY A 154 -15.75 -4.02 1.44
CA GLY A 154 -16.73 -4.18 2.50
C GLY A 154 -16.05 -4.00 3.86
N ILE A 155 -16.37 -2.88 4.51
CA ILE A 155 -15.81 -2.53 5.82
C ILE A 155 -16.66 -3.16 6.90
N ILE A 156 -16.09 -4.04 7.71
CA ILE A 156 -16.85 -4.66 8.80
C ILE A 156 -16.48 -3.89 10.06
N GLY A 157 -17.39 -3.01 10.48
CA GLY A 157 -17.17 -2.16 11.63
C GLY A 157 -16.90 -0.78 11.06
N LEU A 158 -17.94 0.02 10.86
CA LEU A 158 -17.74 1.34 10.29
C LEU A 158 -17.59 2.42 11.36
N GLY A 159 -16.61 2.23 12.25
CA GLY A 159 -16.38 3.18 13.32
C GLY A 159 -15.36 4.24 12.94
N ARG A 160 -14.55 4.67 13.90
CA ARG A 160 -13.54 5.69 13.61
C ARG A 160 -12.53 5.24 12.56
N ILE A 161 -11.99 4.03 12.70
CA ILE A 161 -11.02 3.55 11.71
C ILE A 161 -11.78 3.21 10.41
N GLY A 162 -12.85 2.43 10.57
CA GLY A 162 -13.67 2.03 9.43
C GLY A 162 -14.02 3.20 8.54
N GLN A 163 -14.46 4.30 9.14
CA GLN A 163 -14.80 5.47 8.35
C GLN A 163 -13.57 6.06 7.67
N ALA A 164 -12.42 6.05 8.36
CA ALA A 164 -11.21 6.58 7.76
C ALA A 164 -10.84 5.74 6.53
N ILE A 165 -11.02 4.43 6.67
CA ILE A 165 -10.71 3.53 5.57
C ILE A 165 -11.65 3.80 4.39
N ALA A 166 -12.90 4.12 4.69
CA ALA A 166 -13.86 4.42 3.63
C ALA A 166 -13.47 5.75 2.93
N LYS A 167 -13.02 6.74 3.70
CA LYS A 167 -12.60 7.98 3.06
C LYS A 167 -11.49 7.71 2.03
N ARG A 168 -10.58 6.78 2.33
CA ARG A 168 -9.49 6.50 1.38
C ARG A 168 -10.03 5.72 0.21
N ALA A 169 -10.99 4.83 0.47
CA ALA A 169 -11.57 4.00 -0.58
C ALA A 169 -12.22 4.87 -1.65
N LYS A 170 -12.76 6.00 -1.23
CA LYS A 170 -13.39 6.95 -2.15
C LYS A 170 -12.30 7.40 -3.13
N GLY A 171 -11.09 7.58 -2.62
CA GLY A 171 -10.00 7.98 -3.49
C GLY A 171 -9.74 6.94 -4.56
N PHE A 172 -10.12 5.69 -4.33
CA PHE A 172 -9.94 4.65 -5.33
C PHE A 172 -11.25 4.34 -6.06
N ASN A 173 -12.19 5.28 -5.96
CA ASN A 173 -13.51 5.20 -6.57
C ASN A 173 -14.20 3.86 -6.32
N MET A 174 -13.96 3.32 -5.15
CA MET A 174 -14.52 2.05 -4.80
C MET A 174 -15.98 2.19 -4.44
N ARG A 175 -16.71 1.07 -4.52
CA ARG A 175 -18.10 1.04 -4.15
C ARG A 175 -17.98 0.60 -2.69
N ILE A 176 -18.53 1.38 -1.78
CA ILE A 176 -18.39 1.07 -0.37
C ILE A 176 -19.58 0.42 0.35
N LEU A 177 -19.39 -0.83 0.76
CA LEU A 177 -20.38 -1.60 1.51
C LEU A 177 -19.84 -1.67 2.93
N TYR A 178 -20.72 -1.92 3.89
CA TYR A 178 -20.26 -2.00 5.26
C TYR A 178 -21.27 -2.64 6.19
N TYR A 179 -20.78 -3.51 7.06
CA TYR A 179 -21.64 -4.15 8.04
C TYR A 179 -21.24 -3.56 9.38
N SER A 180 -22.22 -3.22 10.20
CA SER A 180 -21.92 -2.63 11.50
C SER A 180 -23.15 -2.78 12.39
N ARG A 181 -23.03 -2.50 13.69
CA ARG A 181 -24.15 -2.66 14.61
C ARG A 181 -25.31 -1.71 14.39
N THR A 182 -25.02 -0.48 13.94
CA THR A 182 -26.07 0.49 13.67
C THR A 182 -25.74 1.25 12.40
N ARG A 183 -26.70 2.02 11.91
CA ARG A 183 -26.50 2.81 10.71
C ARG A 183 -26.58 4.28 11.11
N LYS A 184 -25.55 5.03 10.75
CA LYS A 184 -25.53 6.44 11.06
C LYS A 184 -25.72 7.14 9.74
N GLU A 185 -26.93 7.59 9.50
CA GLU A 185 -27.27 8.25 8.25
C GLU A 185 -26.30 9.35 7.83
N GLU A 186 -25.97 10.27 8.73
CA GLU A 186 -25.03 11.31 8.36
C GLU A 186 -23.70 10.74 7.83
N VAL A 187 -23.25 9.62 8.40
CA VAL A 187 -22.03 8.98 7.93
C VAL A 187 -22.21 8.35 6.54
N GLU A 188 -23.32 7.63 6.31
CA GLU A 188 -23.56 6.99 5.01
C GLU A 188 -23.59 8.06 3.93
N ARG A 189 -24.14 9.21 4.28
CA ARG A 189 -24.27 10.33 3.36
C ARG A 189 -22.94 10.96 2.97
N GLU A 190 -22.08 11.15 3.96
CA GLU A 190 -20.78 11.75 3.73
C GLU A 190 -19.84 10.83 2.97
N LEU A 191 -19.93 9.52 3.21
CA LEU A 191 -19.01 8.57 2.58
C LEU A 191 -19.59 7.83 1.39
N ASN A 192 -20.92 7.87 1.26
CA ASN A 192 -21.59 7.13 0.20
C ASN A 192 -21.29 5.66 0.49
N ALA A 193 -21.66 5.23 1.69
CA ALA A 193 -21.44 3.87 2.15
C ALA A 193 -22.81 3.22 2.31
N GLU A 194 -22.94 2.00 1.82
CA GLU A 194 -24.21 1.31 1.89
C GLU A 194 -24.20 0.11 2.83
N PHE A 195 -25.18 0.08 3.73
CA PHE A 195 -25.30 -1.02 4.68
C PHE A 195 -25.66 -2.32 3.99
N LYS A 196 -25.15 -3.44 4.51
CA LYS A 196 -25.41 -4.75 3.94
C LYS A 196 -25.27 -5.78 5.04
N PRO A 197 -26.25 -6.66 5.17
CA PRO A 197 -26.13 -7.68 6.21
C PRO A 197 -24.77 -8.35 6.01
N LEU A 198 -24.14 -8.76 7.09
CA LEU A 198 -22.86 -9.39 6.98
C LEU A 198 -22.73 -10.36 5.81
N GLU A 199 -23.69 -11.26 5.66
CA GLU A 199 -23.64 -12.25 4.58
C GLU A 199 -23.56 -11.67 3.18
N ASP A 200 -24.31 -10.61 2.91
CA ASP A 200 -24.26 -10.01 1.59
C ASP A 200 -22.93 -9.29 1.35
N LEU A 201 -22.44 -8.61 2.39
CA LEU A 201 -21.18 -7.90 2.31
C LEU A 201 -20.09 -8.92 1.93
N LEU A 202 -20.14 -10.11 2.50
CA LEU A 202 -19.12 -11.12 2.19
C LEU A 202 -19.21 -11.70 0.78
N ARG A 203 -20.42 -11.79 0.21
CA ARG A 203 -20.56 -12.34 -1.14
C ARG A 203 -20.24 -11.31 -2.22
N GLU A 204 -20.56 -10.04 -1.95
CA GLU A 204 -20.36 -8.95 -2.92
C GLU A 204 -19.02 -8.18 -2.92
N SER A 205 -18.22 -8.32 -1.87
CA SER A 205 -16.99 -7.58 -1.75
C SER A 205 -15.74 -8.20 -2.35
N ASP A 206 -14.89 -7.35 -2.96
CA ASP A 206 -13.61 -7.79 -3.55
C ASP A 206 -12.55 -7.67 -2.47
N PHE A 207 -12.79 -6.80 -1.49
CA PHE A 207 -11.87 -6.61 -0.36
C PHE A 207 -12.72 -6.48 0.87
N VAL A 208 -12.40 -7.29 1.87
CA VAL A 208 -13.12 -7.29 3.13
C VAL A 208 -12.14 -6.81 4.19
N VAL A 209 -12.46 -5.70 4.84
CA VAL A 209 -11.60 -5.10 5.85
C VAL A 209 -12.22 -5.09 7.24
N LEU A 210 -11.56 -5.76 8.19
CA LEU A 210 -12.06 -5.84 9.57
C LEU A 210 -11.58 -4.67 10.41
N ALA A 211 -12.52 -4.02 11.09
CA ALA A 211 -12.20 -2.88 11.94
C ALA A 211 -13.18 -2.81 13.13
N VAL A 212 -13.39 -3.97 13.74
CA VAL A 212 -14.25 -4.06 14.90
C VAL A 212 -13.42 -4.36 16.12
N PRO A 213 -13.91 -3.94 17.31
CA PRO A 213 -13.21 -4.18 18.57
C PRO A 213 -13.38 -5.67 18.86
N LEU A 214 -12.58 -6.20 19.77
CA LEU A 214 -12.72 -7.60 20.13
C LEU A 214 -13.75 -7.68 21.26
N THR A 215 -14.74 -8.55 21.08
CA THR A 215 -15.80 -8.75 22.07
C THR A 215 -16.28 -10.20 21.96
N ARG A 216 -17.29 -10.51 22.75
CA ARG A 216 -17.91 -11.84 22.72
C ARG A 216 -18.50 -12.08 21.32
N GLU A 217 -19.20 -11.07 20.80
CA GLU A 217 -19.86 -11.14 19.49
C GLU A 217 -18.90 -11.27 18.31
N THR A 218 -17.85 -10.46 18.31
CA THR A 218 -16.89 -10.49 17.21
C THR A 218 -15.91 -11.65 17.28
N TYR A 219 -15.78 -12.27 18.43
CA TYR A 219 -14.87 -13.40 18.55
C TYR A 219 -15.13 -14.36 17.41
N HIS A 220 -14.10 -14.66 16.64
CA HIS A 220 -14.23 -15.56 15.51
C HIS A 220 -15.38 -15.28 14.56
N LEU A 221 -15.60 -14.00 14.27
CA LEU A 221 -16.64 -13.60 13.35
C LEU A 221 -16.30 -14.16 11.96
N ILE A 222 -15.01 -14.23 11.65
CA ILE A 222 -14.65 -14.75 10.34
C ILE A 222 -14.27 -16.19 10.54
N ASN A 223 -15.24 -17.08 10.30
CA ASN A 223 -15.01 -18.51 10.49
C ASN A 223 -14.97 -19.21 9.14
N GLU A 224 -14.94 -20.54 9.18
CA GLU A 224 -14.90 -21.35 7.97
C GLU A 224 -16.15 -21.21 7.11
N GLU A 225 -17.29 -20.92 7.75
CA GLU A 225 -18.54 -20.75 7.04
C GLU A 225 -18.58 -19.42 6.29
N ARG A 226 -18.25 -18.34 6.99
CA ARG A 226 -18.26 -17.03 6.37
C ARG A 226 -17.16 -16.88 5.31
N LEU A 227 -16.04 -17.59 5.48
CA LEU A 227 -14.97 -17.52 4.50
C LEU A 227 -15.40 -18.18 3.20
N LYS A 228 -16.30 -19.14 3.29
CA LYS A 228 -16.82 -19.82 2.10
C LYS A 228 -17.73 -18.87 1.33
N LEU A 229 -18.33 -17.92 2.04
CA LEU A 229 -19.21 -16.91 1.43
C LEU A 229 -18.48 -15.90 0.53
N MET A 230 -17.21 -15.67 0.83
CA MET A 230 -16.40 -14.71 0.08
C MET A 230 -16.03 -15.20 -1.31
N LYS A 231 -15.68 -14.27 -2.19
CA LYS A 231 -15.29 -14.62 -3.54
C LYS A 231 -13.92 -15.29 -3.50
N LYS A 232 -13.66 -16.16 -4.49
CA LYS A 232 -12.38 -16.83 -4.58
C LYS A 232 -11.31 -15.81 -4.99
N THR A 233 -11.76 -14.64 -5.43
CA THR A 233 -10.88 -13.55 -5.88
C THR A 233 -10.71 -12.51 -4.76
N ALA A 234 -11.54 -12.59 -3.75
CA ALA A 234 -11.48 -11.63 -2.66
C ALA A 234 -10.24 -11.73 -1.76
N ILE A 235 -9.96 -10.63 -1.08
CA ILE A 235 -8.84 -10.55 -0.18
C ILE A 235 -9.37 -10.07 1.16
N LEU A 236 -8.86 -10.67 2.24
CA LEU A 236 -9.28 -10.28 3.59
C LEU A 236 -8.20 -9.43 4.28
N ILE A 237 -8.62 -8.30 4.86
CA ILE A 237 -7.67 -7.45 5.56
C ILE A 237 -8.05 -7.36 7.04
N ASN A 238 -7.15 -7.78 7.92
CA ASN A 238 -7.46 -7.68 9.34
C ASN A 238 -6.51 -6.75 10.08
N ILE A 239 -7.02 -5.60 10.51
CA ILE A 239 -6.22 -4.64 11.30
C ILE A 239 -6.98 -4.38 12.58
N ALA A 240 -7.91 -5.28 12.90
CA ALA A 240 -8.74 -5.17 14.12
C ALA A 240 -8.08 -5.90 15.31
N ARG A 241 -8.42 -7.18 15.50
CA ARG A 241 -7.86 -8.03 16.57
C ARG A 241 -7.72 -9.42 16.03
N GLY A 242 -6.61 -10.08 16.34
CA GLY A 242 -6.38 -11.41 15.82
C GLY A 242 -7.52 -12.41 15.96
N LYS A 243 -8.24 -12.35 17.07
CA LYS A 243 -9.30 -13.30 17.35
C LYS A 243 -10.64 -13.08 16.68
N VAL A 244 -10.73 -12.02 15.88
CA VAL A 244 -11.95 -11.75 15.15
C VAL A 244 -11.94 -12.69 13.95
N VAL A 245 -10.83 -13.41 13.78
CA VAL A 245 -10.67 -14.35 12.67
C VAL A 245 -10.21 -15.72 13.17
N ASP A 246 -10.80 -16.79 12.63
CA ASP A 246 -10.39 -18.13 13.00
C ASP A 246 -9.19 -18.47 12.13
N THR A 247 -7.98 -18.33 12.66
CA THR A 247 -6.77 -18.59 11.88
C THR A 247 -6.80 -19.91 11.11
N ASN A 248 -7.18 -20.99 11.82
CA ASN A 248 -7.25 -22.30 11.22
C ASN A 248 -8.15 -22.30 10.00
N ALA A 249 -9.35 -21.74 10.15
CA ALA A 249 -10.28 -21.64 9.01
C ALA A 249 -9.60 -20.84 7.89
N LEU A 250 -8.96 -19.74 8.27
CA LEU A 250 -8.28 -18.88 7.32
C LEU A 250 -7.19 -19.62 6.55
N VAL A 251 -6.32 -20.31 7.28
CA VAL A 251 -5.25 -21.06 6.64
C VAL A 251 -5.83 -22.06 5.63
N LYS A 252 -6.98 -22.65 5.99
CA LYS A 252 -7.66 -23.61 5.14
C LYS A 252 -8.15 -22.91 3.86
N ALA A 253 -8.92 -21.85 4.05
CA ALA A 253 -9.43 -21.08 2.93
C ALA A 253 -8.32 -20.70 1.95
N LEU A 254 -7.18 -20.26 2.50
CA LEU A 254 -6.06 -19.84 1.65
C LEU A 254 -5.42 -20.96 0.85
N LYS A 255 -5.21 -22.12 1.48
CA LYS A 255 -4.60 -23.24 0.78
C LYS A 255 -5.57 -23.83 -0.23
N GLU A 256 -6.86 -23.80 0.13
CA GLU A 256 -7.92 -24.35 -0.70
C GLU A 256 -8.45 -23.43 -1.80
N GLY A 257 -8.02 -22.17 -1.80
CA GLY A 257 -8.48 -21.24 -2.82
C GLY A 257 -9.86 -20.64 -2.57
N TRP A 258 -10.38 -20.73 -1.36
CA TRP A 258 -11.71 -20.17 -1.08
C TRP A 258 -11.67 -18.66 -1.25
N ILE A 259 -10.49 -18.09 -1.06
CA ILE A 259 -10.25 -16.67 -1.22
C ILE A 259 -8.81 -16.51 -1.74
N ALA A 260 -8.56 -15.36 -2.35
CA ALA A 260 -7.29 -15.03 -2.98
C ALA A 260 -6.07 -14.75 -2.11
N GLY A 261 -6.27 -14.09 -0.97
CA GLY A 261 -5.15 -13.80 -0.11
C GLY A 261 -5.60 -13.03 1.10
N ALA A 262 -4.66 -12.80 2.03
CA ALA A 262 -4.94 -12.05 3.25
C ALA A 262 -3.81 -11.11 3.65
N GLY A 263 -4.20 -10.03 4.29
CA GLY A 263 -3.25 -9.05 4.78
C GLY A 263 -3.56 -9.01 6.25
N LEU A 264 -2.60 -9.46 7.09
CA LEU A 264 -2.82 -9.51 8.54
C LEU A 264 -1.86 -8.68 9.38
N ASP A 265 -2.44 -7.81 10.21
CA ASP A 265 -1.64 -6.97 11.11
C ASP A 265 -1.73 -7.47 12.55
N VAL A 266 -2.78 -8.24 12.86
CA VAL A 266 -3.01 -8.77 14.21
C VAL A 266 -3.17 -10.29 14.23
N PHE A 267 -2.90 -10.90 15.38
CA PHE A 267 -2.96 -12.35 15.50
C PHE A 267 -3.56 -12.80 16.83
N GLU A 268 -4.06 -14.03 16.87
CA GLU A 268 -4.70 -14.53 18.09
C GLU A 268 -3.74 -14.59 19.28
N GLU A 269 -2.46 -14.73 18.97
CA GLU A 269 -1.42 -14.78 19.98
C GLU A 269 -0.28 -13.89 19.46
N GLU A 270 0.24 -13.01 20.32
CA GLU A 270 1.32 -12.10 19.93
C GLU A 270 2.48 -12.08 20.93
N PRO A 271 3.75 -12.20 20.45
CA PRO A 271 4.02 -12.35 19.02
C PRO A 271 3.49 -13.69 18.54
N TYR A 272 3.56 -13.91 17.24
CA TYR A 272 2.99 -15.12 16.67
C TYR A 272 3.88 -15.83 15.67
N TYR A 273 3.78 -17.15 15.64
CA TYR A 273 4.50 -17.93 14.66
C TYR A 273 3.56 -19.06 14.23
N ASN A 274 3.56 -19.38 12.95
CA ASN A 274 2.68 -20.42 12.42
C ASN A 274 3.31 -20.78 11.10
N GLU A 275 3.99 -21.91 11.03
CA GLU A 275 4.67 -22.33 9.81
C GLU A 275 3.77 -22.45 8.57
N GLU A 276 2.56 -22.98 8.75
CA GLU A 276 1.63 -23.16 7.62
C GLU A 276 1.28 -21.83 6.95
N LEU A 277 0.77 -20.91 7.75
CA LEU A 277 0.39 -19.58 7.32
C LEU A 277 1.59 -18.89 6.62
N PHE A 278 2.70 -18.77 7.34
CA PHE A 278 3.92 -18.14 6.86
C PHE A 278 4.60 -18.75 5.61
N LYS A 279 4.21 -19.95 5.21
CA LYS A 279 4.78 -20.57 4.02
C LYS A 279 4.09 -19.96 2.81
N LEU A 280 2.82 -19.60 3.02
CA LEU A 280 1.94 -19.01 2.01
C LEU A 280 2.42 -17.70 1.33
N ASP A 281 2.35 -17.67 -0.01
CA ASP A 281 2.77 -16.49 -0.78
C ASP A 281 1.68 -15.44 -1.04
N ASN A 282 0.44 -15.77 -0.68
CA ASN A 282 -0.69 -14.87 -0.90
C ASN A 282 -1.13 -14.26 0.43
N VAL A 283 -0.19 -14.16 1.36
CA VAL A 283 -0.45 -13.56 2.66
C VAL A 283 0.61 -12.49 2.99
N VAL A 284 0.17 -11.35 3.52
CA VAL A 284 1.07 -10.26 3.90
C VAL A 284 0.89 -10.09 5.40
N LEU A 285 2.01 -10.05 6.13
CA LEU A 285 1.94 -9.94 7.59
C LEU A 285 2.75 -8.80 8.18
N THR A 286 2.21 -8.17 9.22
CA THR A 286 2.94 -7.11 9.87
C THR A 286 2.71 -7.28 11.34
N PRO A 287 3.74 -7.00 12.16
CA PRO A 287 3.70 -7.15 13.62
C PRO A 287 2.87 -6.14 14.44
N HIS A 288 1.58 -6.11 14.19
CA HIS A 288 0.69 -5.21 14.90
C HIS A 288 1.24 -3.78 14.98
N ILE A 289 1.48 -3.18 13.81
CA ILE A 289 2.03 -1.82 13.76
C ILE A 289 1.00 -0.80 13.26
N GLY A 290 -0.27 -1.20 13.25
CA GLY A 290 -1.34 -0.34 12.79
C GLY A 290 -1.21 1.14 13.13
N SER A 291 -0.97 1.47 14.39
CA SER A 291 -0.85 2.87 14.79
C SER A 291 0.57 3.40 14.83
N ALA A 292 1.53 2.62 14.33
CA ALA A 292 2.94 3.06 14.38
C ALA A 292 3.44 4.15 13.43
N SER A 293 2.86 5.34 13.52
CA SER A 293 3.37 6.45 12.73
C SER A 293 3.84 7.42 13.82
N PHE A 294 4.81 8.27 13.51
CA PHE A 294 5.34 9.20 14.48
C PHE A 294 4.24 10.02 15.08
N GLY A 295 3.37 10.57 14.23
CA GLY A 295 2.28 11.41 14.72
C GLY A 295 1.27 10.71 15.58
N ALA A 296 0.83 9.52 15.15
CA ALA A 296 -0.14 8.78 15.91
C ALA A 296 0.37 8.46 17.31
N ARG A 297 1.57 7.87 17.39
CA ARG A 297 2.12 7.47 18.68
C ARG A 297 2.38 8.67 19.56
N GLU A 298 2.74 9.80 18.95
CA GLU A 298 2.95 10.96 19.76
C GLU A 298 1.62 11.50 20.27
N GLY A 299 0.59 11.48 19.44
CA GLY A 299 -0.72 11.99 19.85
C GLY A 299 -1.35 11.14 20.94
N MET A 300 -1.08 9.85 20.89
CA MET A 300 -1.58 8.91 21.89
C MET A 300 -0.94 9.23 23.26
N ALA A 301 0.35 9.57 23.24
CA ALA A 301 1.07 9.90 24.48
C ALA A 301 0.49 11.16 25.07
N GLU A 302 0.29 12.18 24.25
CA GLU A 302 -0.29 13.43 24.71
C GLU A 302 -1.73 13.25 25.21
N LEU A 303 -2.50 12.39 24.54
CA LEU A 303 -3.89 12.17 24.93
C LEU A 303 -3.93 11.48 26.28
N VAL A 304 -3.04 10.52 26.49
CA VAL A 304 -3.00 9.81 27.76
C VAL A 304 -2.66 10.77 28.88
N ALA A 305 -1.81 11.76 28.60
CA ALA A 305 -1.46 12.71 29.64
C ALA A 305 -2.64 13.63 29.92
N LYS A 306 -3.35 14.04 28.87
CA LYS A 306 -4.51 14.90 29.03
C LYS A 306 -5.57 14.22 29.90
N ASN A 307 -5.74 12.92 29.70
CA ASN A 307 -6.71 12.17 30.50
C ASN A 307 -6.29 12.12 31.98
N LEU A 308 -5.02 11.77 32.24
CA LEU A 308 -4.54 11.68 33.61
C LEU A 308 -4.54 13.01 34.32
N ILE A 309 -4.20 14.08 33.59
CA ILE A 309 -4.19 15.41 34.18
C ILE A 309 -5.58 15.98 34.43
N ALA A 310 -6.57 15.55 33.64
CA ALA A 310 -7.95 16.02 33.85
C ALA A 310 -8.54 15.34 35.10
N PHE A 311 -8.29 14.05 35.22
CA PHE A 311 -8.77 13.27 36.37
C PHE A 311 -8.23 13.83 37.67
N LYS A 312 -6.99 14.32 37.64
CA LYS A 312 -6.36 14.89 38.82
C LYS A 312 -7.07 16.18 39.24
N ARG A 313 -7.37 17.03 38.26
CA ARG A 313 -8.05 18.29 38.50
C ARG A 313 -9.55 18.13 38.76
N GLY A 314 -9.96 16.91 39.08
CA GLY A 314 -11.36 16.63 39.35
C GLY A 314 -12.29 16.78 38.15
N GLU A 315 -11.84 16.31 36.99
CA GLU A 315 -12.65 16.42 35.79
C GLU A 315 -12.84 15.06 35.14
N ILE A 316 -13.91 14.94 34.37
CA ILE A 316 -14.18 13.70 33.69
C ILE A 316 -13.17 13.58 32.57
N PRO A 317 -12.50 12.43 32.47
CA PRO A 317 -11.50 12.18 31.43
C PRO A 317 -12.10 12.42 30.05
N PRO A 318 -11.38 13.15 29.18
CA PRO A 318 -11.84 13.46 27.82
C PRO A 318 -12.21 12.20 27.00
N THR A 319 -11.46 11.11 27.18
CA THR A 319 -11.75 9.89 26.45
C THR A 319 -12.03 8.77 27.40
N LEU A 320 -12.91 9.04 28.36
CA LEU A 320 -13.32 8.05 29.36
C LEU A 320 -14.11 6.93 28.69
N VAL A 321 -13.68 5.68 28.88
CA VAL A 321 -14.34 4.53 28.28
C VAL A 321 -15.63 4.16 29.02
N ASN A 322 -15.46 3.77 30.28
CA ASN A 322 -16.56 3.35 31.16
C ASN A 322 -17.17 4.54 31.87
N ARG A 323 -18.16 5.17 31.24
CA ARG A 323 -18.79 6.34 31.85
C ARG A 323 -19.72 5.97 32.99
N GLU A 324 -20.06 4.68 33.08
CA GLU A 324 -20.94 4.23 34.14
C GLU A 324 -20.27 4.33 35.51
N VAL A 325 -18.99 4.63 35.53
CA VAL A 325 -18.26 4.74 36.78
C VAL A 325 -18.37 6.16 37.33
N ILE A 326 -18.89 7.09 36.52
CA ILE A 326 -19.06 8.46 36.98
C ILE A 326 -19.93 8.43 38.24
N LYS A 327 -20.79 7.41 38.34
CA LYS A 327 -21.67 7.26 39.49
C LYS A 327 -20.91 6.65 40.68
N ILE A 328 -20.33 5.47 40.48
CA ILE A 328 -19.58 4.76 41.54
C ILE A 328 -18.62 5.64 42.34
N ARG A 329 -18.15 6.72 41.74
CA ARG A 329 -17.23 7.64 42.40
C ARG A 329 -16.91 8.80 41.47
N LYS A 330 -16.67 9.97 42.02
CA LYS A 330 -16.37 11.15 41.20
C LYS A 330 -14.88 11.22 40.86
N PRO A 331 -14.50 12.05 39.87
CA PRO A 331 -13.11 12.22 39.42
C PRO A 331 -12.12 12.80 40.44
N GLY A 332 -11.11 12.02 40.82
CA GLY A 332 -10.10 12.48 41.77
C GLY A 332 -9.31 11.37 42.43
N PHE A 333 -8.27 11.72 43.17
CA PHE A 333 -7.44 10.73 43.86
C PHE A 333 -7.73 10.59 45.37
N MET B 1 -7.13 -14.00 -43.89
CA MET B 1 -6.22 -13.42 -42.85
C MET B 1 -4.77 -13.44 -43.34
N LYS B 2 -4.54 -12.79 -44.47
CA LYS B 2 -3.19 -12.72 -45.02
C LYS B 2 -2.18 -11.99 -44.12
N PRO B 3 -2.56 -10.83 -43.53
CA PRO B 3 -1.64 -10.08 -42.66
C PRO B 3 -0.86 -10.91 -41.63
N LYS B 4 0.47 -10.83 -41.68
CA LYS B 4 1.29 -11.58 -40.73
C LYS B 4 1.68 -10.71 -39.55
N VAL B 5 1.67 -11.28 -38.35
CA VAL B 5 2.05 -10.52 -37.16
C VAL B 5 2.80 -11.44 -36.21
N PHE B 6 3.88 -10.94 -35.63
CA PHE B 6 4.68 -11.69 -34.67
C PHE B 6 4.69 -10.97 -33.31
N ILE B 7 4.21 -11.65 -32.26
CA ILE B 7 4.18 -11.09 -30.89
C ILE B 7 5.41 -11.63 -30.16
N THR B 8 6.24 -10.72 -29.66
CA THR B 8 7.48 -11.11 -29.01
C THR B 8 7.38 -11.80 -27.66
N ARG B 9 6.18 -11.84 -27.09
CA ARG B 9 6.03 -12.53 -25.81
C ARG B 9 4.58 -12.92 -25.69
N GLU B 10 4.27 -13.90 -24.85
CA GLU B 10 2.90 -14.33 -24.74
C GLU B 10 1.96 -13.43 -23.91
N ILE B 11 1.30 -12.49 -24.59
CA ILE B 11 0.36 -11.60 -23.93
C ILE B 11 -0.92 -12.39 -23.65
N PRO B 12 -1.83 -11.85 -22.84
CA PRO B 12 -3.09 -12.53 -22.51
C PRO B 12 -3.76 -13.07 -23.77
N GLU B 13 -4.28 -14.29 -23.69
CA GLU B 13 -4.93 -14.94 -24.84
C GLU B 13 -6.04 -14.12 -25.50
N VAL B 14 -6.73 -13.23 -24.77
CA VAL B 14 -7.82 -12.46 -25.38
C VAL B 14 -7.36 -11.62 -26.57
N GLY B 15 -6.14 -11.11 -26.49
CA GLY B 15 -5.61 -10.30 -27.58
C GLY B 15 -5.28 -11.19 -28.76
N ILE B 16 -4.66 -12.33 -28.46
CA ILE B 16 -4.27 -13.33 -29.45
C ILE B 16 -5.52 -13.77 -30.21
N LYS B 17 -6.54 -14.23 -29.50
CA LYS B 17 -7.79 -14.64 -30.13
C LYS B 17 -8.41 -13.54 -30.99
N MET B 18 -8.37 -12.29 -30.53
CA MET B 18 -8.94 -11.19 -31.30
C MET B 18 -8.28 -11.05 -32.67
N LEU B 19 -6.97 -11.28 -32.72
CA LEU B 19 -6.20 -11.18 -33.94
C LEU B 19 -6.28 -12.40 -34.87
N GLU B 20 -6.64 -13.58 -34.32
CA GLU B 20 -6.72 -14.81 -35.11
C GLU B 20 -7.36 -14.73 -36.48
N ASP B 21 -8.63 -14.34 -36.51
CA ASP B 21 -9.41 -14.23 -37.74
C ASP B 21 -9.03 -13.07 -38.67
N GLU B 22 -8.07 -12.25 -38.26
CA GLU B 22 -7.69 -11.12 -39.10
C GLU B 22 -6.22 -11.21 -39.47
N PHE B 23 -5.47 -11.96 -38.68
CA PHE B 23 -4.04 -12.07 -38.90
C PHE B 23 -3.53 -13.49 -38.79
N GLU B 24 -2.34 -13.69 -39.34
CA GLU B 24 -1.65 -14.96 -39.23
C GLU B 24 -0.73 -14.64 -38.03
N VAL B 25 -1.07 -15.24 -36.90
CA VAL B 25 -0.36 -14.97 -35.67
C VAL B 25 0.69 -15.96 -35.18
N GLU B 26 1.88 -15.46 -34.92
CA GLU B 26 2.96 -16.28 -34.38
C GLU B 26 3.38 -15.59 -33.07
N VAL B 27 3.72 -16.35 -32.05
CA VAL B 27 4.10 -15.75 -30.77
C VAL B 27 5.33 -16.38 -30.15
N TRP B 28 6.28 -15.57 -29.69
CA TRP B 28 7.49 -16.10 -29.03
C TRP B 28 6.98 -16.79 -27.76
N GLY B 29 7.52 -17.98 -27.47
CA GLY B 29 7.03 -18.75 -26.34
C GLY B 29 7.84 -18.90 -25.09
N ASP B 30 9.09 -18.46 -25.09
CA ASP B 30 9.89 -18.56 -23.88
C ASP B 30 9.67 -17.31 -23.01
N GLU B 31 9.81 -17.47 -21.69
CA GLU B 31 9.58 -16.34 -20.78
C GLU B 31 10.65 -15.24 -20.86
N LYS B 32 11.88 -15.66 -21.11
CA LYS B 32 12.97 -14.70 -21.22
C LYS B 32 12.79 -14.00 -22.54
N GLU B 33 13.28 -12.77 -22.61
CA GLU B 33 13.17 -11.97 -23.83
C GLU B 33 13.75 -12.75 -25.02
N ILE B 34 13.23 -12.49 -26.21
CA ILE B 34 13.69 -13.17 -27.42
C ILE B 34 15.06 -12.70 -27.89
N PRO B 35 16.00 -13.63 -28.14
CA PRO B 35 17.32 -13.19 -28.59
C PRO B 35 17.23 -12.43 -29.92
N ARG B 36 17.99 -11.34 -30.04
CA ARG B 36 18.00 -10.49 -31.24
C ARG B 36 18.23 -11.28 -32.52
N GLU B 37 19.16 -12.22 -32.44
CA GLU B 37 19.49 -13.09 -33.56
C GLU B 37 18.21 -13.67 -34.14
N ILE B 38 17.41 -14.32 -33.28
CA ILE B 38 16.16 -14.95 -33.70
C ILE B 38 15.15 -13.93 -34.20
N LEU B 39 15.03 -12.81 -33.48
CA LEU B 39 14.09 -11.75 -33.82
C LEU B 39 14.30 -11.20 -35.22
N LEU B 40 15.55 -10.84 -35.50
CA LEU B 40 15.90 -10.29 -36.79
C LEU B 40 15.42 -11.27 -37.87
N LYS B 41 15.49 -12.56 -37.54
CA LYS B 41 15.09 -13.60 -38.48
C LYS B 41 13.56 -13.74 -38.62
N LYS B 42 12.85 -13.66 -37.50
CA LYS B 42 11.39 -13.81 -37.52
C LYS B 42 10.61 -12.64 -38.12
N VAL B 43 11.21 -11.46 -38.18
CA VAL B 43 10.52 -10.29 -38.70
C VAL B 43 10.61 -10.05 -40.20
N LYS B 44 11.10 -11.04 -40.94
CA LYS B 44 11.27 -10.89 -42.39
C LYS B 44 10.00 -10.71 -43.21
N GLU B 45 9.03 -11.59 -42.99
CA GLU B 45 7.78 -11.57 -43.74
C GLU B 45 6.59 -10.95 -43.00
N VAL B 46 6.85 -10.36 -41.83
CA VAL B 46 5.79 -9.77 -41.03
C VAL B 46 5.29 -8.41 -41.46
N ASP B 47 3.99 -8.17 -41.25
CA ASP B 47 3.33 -6.91 -41.57
C ASP B 47 3.19 -6.06 -40.29
N ALA B 48 2.82 -6.73 -39.20
CA ALA B 48 2.64 -6.10 -37.91
C ALA B 48 3.59 -6.72 -36.89
N LEU B 49 3.93 -5.98 -35.84
CA LEU B 49 4.83 -6.47 -34.81
C LEU B 49 4.33 -6.02 -33.43
N VAL B 50 4.28 -6.95 -32.47
CA VAL B 50 3.86 -6.62 -31.11
C VAL B 50 5.04 -6.88 -30.20
N THR B 51 5.64 -5.80 -29.71
CA THR B 51 6.84 -5.88 -28.85
C THR B 51 6.61 -5.51 -27.39
N MET B 52 7.60 -5.80 -26.55
CA MET B 52 7.54 -5.50 -25.13
C MET B 52 8.49 -4.36 -24.80
N LEU B 53 8.33 -3.74 -23.62
CA LEU B 53 9.19 -2.63 -23.17
C LEU B 53 10.67 -3.00 -23.26
N SER B 54 10.98 -4.19 -22.77
CA SER B 54 12.35 -4.72 -22.74
C SER B 54 13.06 -4.87 -24.07
N GLU B 55 12.29 -4.95 -25.16
CA GLU B 55 12.91 -5.10 -26.48
C GLU B 55 13.20 -3.74 -27.12
N ARG B 56 14.38 -3.63 -27.72
CA ARG B 56 14.82 -2.42 -28.40
C ARG B 56 14.52 -2.54 -29.90
N ILE B 57 13.49 -1.85 -30.36
CA ILE B 57 13.07 -1.88 -31.75
C ILE B 57 13.63 -0.68 -32.53
N ASP B 58 14.93 -0.75 -32.82
CA ASP B 58 15.64 0.32 -33.53
C ASP B 58 15.61 0.23 -35.05
N LYS B 59 16.57 0.90 -35.67
CA LYS B 59 16.69 0.93 -37.13
C LYS B 59 17.04 -0.45 -37.70
N GLU B 60 18.00 -1.13 -37.08
CA GLU B 60 18.43 -2.46 -37.52
C GLU B 60 17.24 -3.40 -37.67
N VAL B 61 16.28 -3.26 -36.78
CA VAL B 61 15.09 -4.08 -36.82
C VAL B 61 14.25 -3.73 -38.05
N PHE B 62 13.91 -2.45 -38.20
CA PHE B 62 13.10 -2.01 -39.33
C PHE B 62 13.70 -2.39 -40.68
N GLU B 63 15.02 -2.55 -40.70
CA GLU B 63 15.74 -2.92 -41.90
C GLU B 63 15.45 -4.37 -42.30
N ASN B 64 15.58 -5.28 -41.34
CA ASN B 64 15.35 -6.70 -41.57
C ASN B 64 13.87 -7.05 -41.68
N ALA B 65 13.02 -6.04 -41.73
CA ALA B 65 11.57 -6.25 -41.83
C ALA B 65 11.03 -5.32 -42.90
N PRO B 66 11.33 -5.63 -44.16
CA PRO B 66 10.91 -4.88 -45.35
C PRO B 66 9.41 -4.64 -45.52
N LYS B 67 8.59 -5.52 -44.95
CA LYS B 67 7.13 -5.39 -45.08
C LYS B 67 6.39 -4.87 -43.84
N LEU B 68 7.13 -4.63 -42.76
CA LEU B 68 6.57 -4.12 -41.50
C LEU B 68 6.00 -2.69 -41.58
N ARG B 69 4.68 -2.56 -41.51
CA ARG B 69 4.03 -1.26 -41.56
C ARG B 69 3.41 -0.80 -40.25
N ILE B 70 3.57 -1.56 -39.17
CA ILE B 70 2.98 -1.21 -37.88
C ILE B 70 3.62 -1.98 -36.73
N VAL B 71 4.08 -1.26 -35.71
CA VAL B 71 4.68 -1.88 -34.53
C VAL B 71 3.85 -1.46 -33.32
N ALA B 72 3.09 -2.41 -32.75
CA ALA B 72 2.26 -2.13 -31.59
C ALA B 72 3.01 -2.52 -30.32
N ASN B 73 3.43 -1.52 -29.55
CA ASN B 73 4.15 -1.79 -28.31
C ASN B 73 3.08 -2.19 -27.29
N TYR B 74 3.42 -3.15 -26.43
CA TYR B 74 2.53 -3.69 -25.39
C TYR B 74 2.89 -2.99 -24.09
N ALA B 75 2.82 -1.66 -24.16
CA ALA B 75 3.16 -0.78 -23.05
C ALA B 75 2.70 0.64 -23.39
N VAL B 76 2.62 1.52 -22.39
CA VAL B 76 2.19 2.87 -22.66
C VAL B 76 3.43 3.66 -22.99
N GLY B 77 4.53 3.32 -22.32
CA GLY B 77 5.77 4.00 -22.62
C GLY B 77 6.23 3.48 -23.97
N TYR B 78 7.18 4.17 -24.61
CA TYR B 78 7.70 3.72 -25.90
C TYR B 78 9.13 4.15 -26.15
N ASP B 79 9.89 4.35 -25.06
CA ASP B 79 11.29 4.75 -25.19
C ASP B 79 12.19 3.61 -25.66
N ASN B 80 11.61 2.45 -25.94
CA ASN B 80 12.37 1.28 -26.38
C ASN B 80 12.34 1.20 -27.91
N ILE B 81 11.56 2.09 -28.51
CA ILE B 81 11.42 2.14 -29.96
C ILE B 81 12.04 3.44 -30.47
N ASP B 82 12.60 3.37 -31.68
CA ASP B 82 13.23 4.49 -32.37
C ASP B 82 12.11 5.10 -33.20
N ILE B 83 11.15 5.76 -32.55
CA ILE B 83 10.01 6.33 -33.25
C ILE B 83 10.37 7.23 -34.43
N GLU B 84 11.50 7.91 -34.35
CA GLU B 84 11.89 8.80 -35.44
C GLU B 84 12.19 8.00 -36.70
N GLU B 85 12.99 6.95 -36.53
CA GLU B 85 13.36 6.07 -37.63
C GLU B 85 12.16 5.33 -38.22
N ALA B 86 11.12 5.15 -37.42
CA ALA B 86 9.93 4.47 -37.88
C ALA B 86 9.01 5.38 -38.66
N THR B 87 8.90 6.64 -38.25
CA THR B 87 8.04 7.59 -38.95
C THR B 87 8.63 7.81 -40.34
N LYS B 88 9.95 7.69 -40.42
CA LYS B 88 10.66 7.85 -41.67
C LYS B 88 10.28 6.76 -42.67
N ARG B 89 10.32 5.51 -42.21
CA ARG B 89 9.96 4.37 -43.05
C ARG B 89 8.45 4.17 -43.21
N GLY B 90 7.65 5.14 -42.80
CA GLY B 90 6.20 5.01 -42.93
C GLY B 90 5.60 3.94 -42.01
N ILE B 91 6.32 3.60 -40.95
CA ILE B 91 5.89 2.60 -39.97
C ILE B 91 5.12 3.22 -38.79
N TYR B 92 3.87 2.79 -38.63
CA TYR B 92 3.05 3.28 -37.53
C TYR B 92 3.46 2.60 -36.21
N VAL B 93 3.53 3.40 -35.14
CA VAL B 93 3.88 2.88 -33.83
C VAL B 93 2.77 3.24 -32.84
N THR B 94 2.13 2.21 -32.27
CA THR B 94 1.07 2.40 -31.28
C THR B 94 1.56 1.98 -29.88
N ASN B 95 0.74 2.25 -28.87
CA ASN B 95 1.08 1.88 -27.51
C ASN B 95 -0.22 1.55 -26.81
N THR B 96 -0.19 1.37 -25.48
CA THR B 96 -1.40 1.01 -24.76
C THR B 96 -1.69 1.91 -23.54
N PRO B 97 -2.04 3.17 -23.80
CA PRO B 97 -2.33 4.10 -22.70
C PRO B 97 -3.75 3.89 -22.14
N ASP B 98 -4.01 4.43 -20.95
CA ASP B 98 -5.33 4.36 -20.28
C ASP B 98 -5.82 3.02 -19.76
N VAL B 99 -5.58 1.95 -20.51
CA VAL B 99 -6.04 0.64 -20.08
C VAL B 99 -5.26 0.18 -18.84
N LEU B 100 -4.01 0.64 -18.70
CA LEU B 100 -3.15 0.25 -17.58
C LEU B 100 -2.95 1.33 -16.52
N THR B 101 -3.64 2.46 -16.69
CA THR B 101 -3.52 3.60 -15.79
C THR B 101 -3.81 3.28 -14.34
N ASP B 102 -5.00 2.75 -14.06
CA ASP B 102 -5.37 2.47 -12.69
C ASP B 102 -4.49 1.45 -11.95
N ALA B 103 -4.00 0.46 -12.68
CA ALA B 103 -3.17 -0.56 -12.09
C ALA B 103 -1.85 0.08 -11.70
N THR B 104 -1.34 0.94 -12.58
CA THR B 104 -0.07 1.57 -12.27
C THR B 104 -0.18 2.57 -11.14
N ALA B 105 -1.27 3.32 -11.06
CA ALA B 105 -1.45 4.26 -9.96
C ALA B 105 -1.67 3.45 -8.68
N ASP B 106 -2.45 2.37 -8.79
CA ASP B 106 -2.68 1.49 -7.64
C ASP B 106 -1.31 1.01 -7.11
N LEU B 107 -0.42 0.54 -7.99
CA LEU B 107 0.88 0.09 -7.51
C LEU B 107 1.75 1.23 -6.94
N ALA B 108 1.67 2.42 -7.53
CA ALA B 108 2.46 3.55 -7.00
C ALA B 108 2.05 3.79 -5.54
N PHE B 109 0.74 3.78 -5.28
CA PHE B 109 0.32 3.99 -3.90
C PHE B 109 0.68 2.84 -2.99
N ALA B 110 0.70 1.62 -3.53
CA ALA B 110 1.08 0.50 -2.70
C ALA B 110 2.53 0.74 -2.24
N LEU B 111 3.38 1.21 -3.16
CA LEU B 111 4.80 1.46 -2.84
C LEU B 111 4.96 2.58 -1.82
N LEU B 112 4.22 3.66 -2.06
CA LEU B 112 4.23 4.79 -1.16
C LEU B 112 3.89 4.30 0.25
N LEU B 113 2.80 3.56 0.38
CA LEU B 113 2.40 3.08 1.70
C LEU B 113 3.31 2.02 2.31
N ALA B 114 3.79 1.11 1.48
CA ALA B 114 4.69 0.06 1.95
C ALA B 114 5.99 0.66 2.51
N THR B 115 6.54 1.65 1.81
CA THR B 115 7.78 2.28 2.24
C THR B 115 7.59 3.15 3.49
N ALA B 116 6.58 4.01 3.45
CA ALA B 116 6.25 4.90 4.58
C ALA B 116 6.02 4.12 5.86
N ARG B 117 5.43 2.94 5.74
CA ARG B 117 5.10 2.22 6.96
C ARG B 117 5.83 0.92 7.22
N HIS B 118 6.84 0.65 6.42
CA HIS B 118 7.70 -0.52 6.57
C HIS B 118 6.97 -1.85 6.44
N VAL B 119 6.06 -2.03 5.47
CA VAL B 119 5.38 -3.31 5.49
C VAL B 119 6.28 -4.47 5.10
N VAL B 120 7.18 -4.26 4.14
CA VAL B 120 8.09 -5.34 3.71
C VAL B 120 8.98 -5.81 4.84
N LYS B 121 9.54 -4.85 5.56
CA LYS B 121 10.41 -5.12 6.68
C LYS B 121 9.65 -5.80 7.83
N GLY B 122 8.46 -5.29 8.13
CA GLY B 122 7.67 -5.88 9.19
C GLY B 122 7.25 -7.30 8.84
N ASP B 123 7.06 -7.56 7.55
CA ASP B 123 6.64 -8.88 7.12
C ASP B 123 7.77 -9.87 7.29
N ARG B 124 8.97 -9.45 6.88
CA ARG B 124 10.13 -10.30 7.01
C ARG B 124 10.28 -10.66 8.50
N PHE B 125 10.12 -9.65 9.37
CA PHE B 125 10.23 -9.78 10.83
C PHE B 125 9.30 -10.84 11.39
N VAL B 126 8.05 -10.84 10.89
CA VAL B 126 7.06 -11.80 11.35
C VAL B 126 7.28 -13.17 10.74
N ARG B 127 7.32 -13.20 9.41
CA ARG B 127 7.49 -14.44 8.65
C ARG B 127 8.74 -15.24 8.98
N SER B 128 9.83 -14.56 9.35
CA SER B 128 11.08 -15.24 9.65
C SER B 128 11.08 -15.84 11.03
N GLY B 129 10.09 -15.47 11.84
CA GLY B 129 10.00 -16.01 13.19
C GLY B 129 10.70 -15.13 14.20
N GLU B 130 11.43 -14.15 13.69
CA GLU B 130 12.18 -13.22 14.53
C GLU B 130 11.29 -12.51 15.54
N TRP B 131 10.08 -12.15 15.14
CA TRP B 131 9.16 -11.45 16.03
C TRP B 131 8.81 -12.33 17.22
N LYS B 132 8.56 -13.61 16.95
CA LYS B 132 8.21 -14.57 18.00
C LYS B 132 9.42 -14.77 18.93
N LYS B 133 10.58 -14.96 18.32
CA LYS B 133 11.83 -15.16 19.01
C LYS B 133 12.09 -14.05 20.04
N ARG B 134 11.96 -12.79 19.60
CA ARG B 134 12.16 -11.63 20.47
C ARG B 134 11.26 -11.57 21.72
N GLY B 135 10.17 -12.31 21.71
CA GLY B 135 9.31 -12.31 22.88
C GLY B 135 8.56 -11.03 23.13
N VAL B 136 8.68 -10.06 22.21
CA VAL B 136 7.97 -8.79 22.36
C VAL B 136 6.76 -8.74 21.44
N ALA B 137 5.61 -8.44 22.03
CA ALA B 137 4.37 -8.38 21.29
C ALA B 137 4.10 -7.04 20.59
N TRP B 138 3.97 -6.00 21.40
CA TRP B 138 3.67 -4.67 20.90
C TRP B 138 4.54 -3.69 21.68
N HIS B 139 5.13 -2.73 20.97
CA HIS B 139 5.99 -1.73 21.60
C HIS B 139 5.70 -0.33 21.03
N PRO B 140 5.52 0.69 21.90
CA PRO B 140 5.23 2.08 21.48
C PRO B 140 6.11 2.68 20.39
N LYS B 141 7.38 2.27 20.37
CA LYS B 141 8.33 2.81 19.41
C LYS B 141 8.84 1.86 18.34
N TRP B 142 8.13 0.77 18.08
CA TRP B 142 8.55 -0.19 17.04
C TRP B 142 7.99 0.13 15.63
N PHE B 143 8.86 -0.01 14.64
CA PHE B 143 8.49 0.20 13.25
C PHE B 143 7.78 1.54 12.99
N LEU B 144 8.12 2.56 13.75
CA LEU B 144 7.51 3.86 13.56
C LEU B 144 7.67 4.33 12.12
N GLY B 145 6.56 4.66 11.47
CA GLY B 145 6.65 5.13 10.09
C GLY B 145 6.04 6.52 9.94
N TYR B 146 6.00 6.99 8.70
CA TYR B 146 5.46 8.31 8.38
C TYR B 146 3.98 8.32 8.03
N ASP B 147 3.32 9.40 8.45
CA ASP B 147 1.91 9.62 8.17
C ASP B 147 1.72 9.90 6.67
N VAL B 148 0.57 9.52 6.12
CA VAL B 148 0.27 9.78 4.71
C VAL B 148 -0.91 10.74 4.60
N TYR B 149 -1.97 10.48 5.36
CA TYR B 149 -3.15 11.33 5.32
C TYR B 149 -2.80 12.77 5.68
N GLY B 150 -3.28 13.72 4.89
CA GLY B 150 -3.01 15.12 5.18
C GLY B 150 -1.65 15.62 4.73
N LYS B 151 -0.76 14.72 4.32
CA LYS B 151 0.54 15.15 3.87
C LYS B 151 0.55 15.69 2.46
N THR B 152 1.71 16.21 2.06
CA THR B 152 1.92 16.80 0.75
C THR B 152 2.61 15.83 -0.21
N ILE B 153 1.97 15.60 -1.34
CA ILE B 153 2.50 14.70 -2.33
C ILE B 153 2.83 15.55 -3.53
N GLY B 154 4.01 15.31 -4.10
CA GLY B 154 4.40 16.04 -5.30
C GLY B 154 4.54 15.07 -6.46
N ILE B 155 3.62 15.16 -7.43
CA ILE B 155 3.60 14.31 -8.61
C ILE B 155 4.45 14.94 -9.72
N ILE B 156 5.46 14.24 -10.20
CA ILE B 156 6.29 14.76 -11.27
C ILE B 156 5.84 14.03 -12.54
N GLY B 157 5.04 14.70 -13.34
CA GLY B 157 4.48 14.12 -14.55
C GLY B 157 2.99 13.93 -14.28
N LEU B 158 2.22 15.00 -14.40
CA LEU B 158 0.79 14.91 -14.15
C LEU B 158 0.02 14.48 -15.39
N GLY B 159 0.41 13.34 -15.96
CA GLY B 159 -0.26 12.83 -17.14
C GLY B 159 -1.35 11.84 -16.78
N ARG B 160 -1.52 10.84 -17.63
CA ARG B 160 -2.54 9.83 -17.38
C ARG B 160 -2.30 9.10 -16.06
N ILE B 161 -1.06 8.68 -15.80
CA ILE B 161 -0.81 7.98 -14.54
C ILE B 161 -0.78 8.97 -13.38
N GLY B 162 -0.06 10.09 -13.59
CA GLY B 162 0.05 11.10 -12.56
C GLY B 162 -1.30 11.55 -12.03
N GLN B 163 -2.23 11.81 -12.93
CA GLN B 163 -3.57 12.21 -12.55
C GLN B 163 -4.29 11.10 -11.77
N ALA B 164 -4.09 9.84 -12.17
CA ALA B 164 -4.73 8.74 -11.44
C ALA B 164 -4.17 8.72 -10.01
N ILE B 165 -2.85 8.91 -9.88
CA ILE B 165 -2.22 8.94 -8.57
C ILE B 165 -2.78 10.08 -7.71
N ALA B 166 -3.01 11.23 -8.33
CA ALA B 166 -3.55 12.39 -7.63
C ALA B 166 -5.00 12.10 -7.17
N LYS B 167 -5.79 11.43 -8.01
CA LYS B 167 -7.14 11.10 -7.61
C LYS B 167 -7.12 10.26 -6.31
N ARG B 168 -6.13 9.39 -6.15
CA ARG B 168 -6.08 8.56 -4.96
C ARG B 168 -5.62 9.35 -3.79
N ALA B 169 -4.70 10.28 -4.05
CA ALA B 169 -4.15 11.13 -2.99
C ALA B 169 -5.26 11.93 -2.32
N LYS B 170 -6.25 12.33 -3.12
CA LYS B 170 -7.39 13.07 -2.60
C LYS B 170 -8.07 12.20 -1.54
N GLY B 171 -8.11 10.89 -1.74
CA GLY B 171 -8.72 10.01 -0.77
C GLY B 171 -7.93 10.01 0.53
N PHE B 172 -6.69 10.49 0.47
CA PHE B 172 -5.83 10.57 1.64
C PHE B 172 -5.72 12.03 2.10
N ASN B 173 -6.61 12.85 1.54
CA ASN B 173 -6.70 14.26 1.84
C ASN B 173 -5.34 14.93 1.81
N MET B 174 -4.54 14.57 0.82
CA MET B 174 -3.21 15.13 0.70
C MET B 174 -3.28 16.46 0.00
N ARG B 175 -2.22 17.25 0.16
CA ARG B 175 -2.14 18.53 -0.53
C ARG B 175 -1.40 18.09 -1.79
N ILE B 176 -1.99 18.37 -2.94
CA ILE B 176 -1.37 17.93 -4.16
C ILE B 176 -0.60 18.95 -4.97
N LEU B 177 0.72 18.76 -5.00
CA LEU B 177 1.64 19.59 -5.78
C LEU B 177 2.04 18.75 -6.97
N TYR B 178 2.36 19.39 -8.09
CA TYR B 178 2.76 18.64 -9.27
C TYR B 178 3.64 19.44 -10.19
N TYR B 179 4.60 18.77 -10.79
CA TYR B 179 5.46 19.43 -11.75
C TYR B 179 5.22 18.73 -13.08
N SER B 180 5.11 19.47 -14.16
CA SER B 180 4.86 18.86 -15.46
C SER B 180 5.20 19.91 -16.52
N ARG B 181 5.33 19.50 -17.78
CA ARG B 181 5.66 20.43 -18.86
C ARG B 181 4.64 21.54 -19.08
N THR B 182 3.36 21.25 -18.89
CA THR B 182 2.33 22.26 -19.05
C THR B 182 1.33 22.18 -17.92
N ARG B 183 0.42 23.15 -17.91
CA ARG B 183 -0.63 23.22 -16.91
C ARG B 183 -1.96 23.12 -17.65
N LYS B 184 -2.76 22.14 -17.26
CA LYS B 184 -4.06 21.97 -17.88
C LYS B 184 -5.00 22.37 -16.79
N GLU B 185 -5.51 23.58 -16.89
CA GLU B 185 -6.38 24.07 -15.85
C GLU B 185 -7.62 23.21 -15.55
N GLU B 186 -8.23 22.60 -16.57
CA GLU B 186 -9.39 21.74 -16.30
C GLU B 186 -8.97 20.56 -15.39
N VAL B 187 -7.72 20.11 -15.55
CA VAL B 187 -7.21 19.05 -14.71
C VAL B 187 -6.93 19.62 -13.30
N GLU B 188 -6.20 20.74 -13.22
CA GLU B 188 -5.92 21.37 -11.92
C GLU B 188 -7.19 21.57 -11.11
N ARG B 189 -8.28 21.87 -11.81
CA ARG B 189 -9.58 22.14 -11.19
C ARG B 189 -10.26 20.88 -10.64
N GLU B 190 -10.28 19.83 -11.45
CA GLU B 190 -10.89 18.57 -11.03
C GLU B 190 -10.13 17.91 -9.86
N LEU B 191 -8.81 17.95 -9.89
CA LEU B 191 -7.99 17.30 -8.87
C LEU B 191 -7.56 18.22 -7.73
N ASN B 192 -7.67 19.52 -7.93
CA ASN B 192 -7.20 20.45 -6.90
C ASN B 192 -5.69 20.25 -6.76
N ALA B 193 -5.01 20.24 -7.89
CA ALA B 193 -3.56 20.06 -7.94
C ALA B 193 -2.90 21.39 -8.22
N GLU B 194 -1.82 21.69 -7.52
CA GLU B 194 -1.15 22.95 -7.69
C GLU B 194 0.25 22.85 -8.32
N PHE B 195 0.45 23.56 -9.43
CA PHE B 195 1.74 23.58 -10.11
C PHE B 195 2.83 24.23 -9.25
N LYS B 196 4.05 23.72 -9.37
CA LYS B 196 5.18 24.21 -8.59
C LYS B 196 6.45 23.92 -9.38
N PRO B 197 7.36 24.88 -9.46
CA PRO B 197 8.58 24.57 -10.20
C PRO B 197 9.18 23.35 -9.51
N LEU B 198 9.92 22.56 -10.25
CA LEU B 198 10.51 21.37 -9.67
C LEU B 198 11.22 21.57 -8.33
N GLU B 199 11.97 22.65 -8.16
CA GLU B 199 12.68 22.86 -6.91
C GLU B 199 11.76 23.04 -5.73
N ASP B 200 10.65 23.74 -5.96
CA ASP B 200 9.71 23.94 -4.89
C ASP B 200 9.00 22.65 -4.55
N LEU B 201 8.58 21.92 -5.58
CA LEU B 201 7.90 20.66 -5.39
C LEU B 201 8.80 19.74 -4.56
N LEU B 202 10.10 19.70 -4.86
CA LEU B 202 11.00 18.83 -4.11
C LEU B 202 11.21 19.28 -2.66
N ARG B 203 11.13 20.59 -2.44
CA ARG B 203 11.32 21.14 -1.10
C ARG B 203 10.14 20.96 -0.16
N GLU B 204 8.94 21.15 -0.69
CA GLU B 204 7.72 21.06 0.12
C GLU B 204 7.03 19.69 0.24
N SER B 205 7.47 18.72 -0.55
CA SER B 205 6.84 17.40 -0.57
C SER B 205 7.30 16.34 0.43
N ASP B 206 6.31 15.61 0.97
CA ASP B 206 6.59 14.51 1.90
C ASP B 206 6.74 13.26 1.04
N PHE B 207 6.08 13.24 -0.11
CA PHE B 207 6.21 12.10 -0.99
C PHE B 207 6.34 12.68 -2.35
N VAL B 208 7.34 12.17 -3.06
CA VAL B 208 7.66 12.57 -4.42
C VAL B 208 7.46 11.34 -5.30
N VAL B 209 6.53 11.43 -6.25
CA VAL B 209 6.22 10.32 -7.12
C VAL B 209 6.50 10.63 -8.59
N LEU B 210 7.42 9.85 -9.18
CA LEU B 210 7.80 10.00 -10.59
C LEU B 210 6.80 9.28 -11.50
N ALA B 211 6.39 9.96 -12.58
CA ALA B 211 5.43 9.41 -13.54
C ALA B 211 5.56 10.09 -14.90
N VAL B 212 6.80 10.26 -15.34
CA VAL B 212 7.09 10.86 -16.63
C VAL B 212 7.72 9.82 -17.53
N PRO B 213 7.58 9.99 -18.86
CA PRO B 213 8.18 9.03 -19.80
C PRO B 213 9.68 9.25 -19.68
N LEU B 214 10.46 8.35 -20.24
CA LEU B 214 11.91 8.51 -20.22
C LEU B 214 12.26 9.25 -21.52
N THR B 215 13.00 10.35 -21.39
CA THR B 215 13.41 11.14 -22.54
C THR B 215 14.78 11.70 -22.26
N ARG B 216 15.26 12.54 -23.18
CA ARG B 216 16.55 13.21 -23.03
C ARG B 216 16.47 14.09 -21.78
N GLU B 217 15.38 14.84 -21.66
CA GLU B 217 15.15 15.75 -20.53
C GLU B 217 15.00 15.06 -19.16
N THR B 218 14.12 14.07 -19.09
CA THR B 218 13.87 13.35 -17.84
C THR B 218 15.01 12.43 -17.41
N TYR B 219 15.96 12.18 -18.32
CA TYR B 219 17.08 11.31 -17.98
C TYR B 219 17.78 11.87 -16.75
N HIS B 220 17.87 11.07 -15.72
CA HIS B 220 18.52 11.48 -14.48
C HIS B 220 17.99 12.78 -13.86
N LEU B 221 16.70 13.03 -14.03
CA LEU B 221 16.09 14.20 -13.46
C LEU B 221 16.34 14.21 -11.95
N ILE B 222 16.33 13.04 -11.33
CA ILE B 222 16.53 12.98 -9.89
C ILE B 222 17.99 12.67 -9.67
N ASN B 223 18.79 13.72 -9.49
CA ASN B 223 20.22 13.53 -9.29
C ASN B 223 20.60 13.84 -7.86
N GLU B 224 21.90 13.80 -7.58
CA GLU B 224 22.42 14.08 -6.24
C GLU B 224 22.09 15.49 -5.77
N GLU B 225 21.84 16.38 -6.72
CA GLU B 225 21.53 17.76 -6.39
C GLU B 225 20.07 17.91 -6.00
N ARG B 226 19.19 17.37 -6.83
CA ARG B 226 17.76 17.44 -6.55
C ARG B 226 17.43 16.56 -5.32
N LEU B 227 18.19 15.49 -5.10
CA LEU B 227 17.95 14.63 -3.95
C LEU B 227 18.20 15.39 -2.65
N LYS B 228 19.05 16.40 -2.71
CA LYS B 228 19.36 17.21 -1.53
C LYS B 228 18.26 18.22 -1.21
N LEU B 229 17.46 18.58 -2.21
CA LEU B 229 16.34 19.52 -2.05
C LEU B 229 15.17 18.95 -1.23
N MET B 230 15.01 17.64 -1.33
CA MET B 230 13.95 16.93 -0.64
C MET B 230 14.16 16.95 0.88
N LYS B 231 13.10 16.69 1.63
CA LYS B 231 13.24 16.69 3.08
C LYS B 231 13.90 15.40 3.53
N LYS B 232 14.53 15.47 4.70
CA LYS B 232 15.18 14.30 5.26
C LYS B 232 14.12 13.26 5.63
N THR B 233 12.87 13.69 5.68
CA THR B 233 11.74 12.82 6.02
C THR B 233 10.99 12.31 4.78
N ALA B 234 11.22 12.94 3.64
CA ALA B 234 10.53 12.56 2.41
C ALA B 234 10.88 11.19 1.85
N ILE B 235 9.92 10.61 1.15
CA ILE B 235 10.09 9.33 0.52
C ILE B 235 9.93 9.53 -0.98
N LEU B 236 10.74 8.82 -1.77
CA LEU B 236 10.68 8.91 -3.23
C LEU B 236 10.05 7.63 -3.82
N ILE B 237 9.11 7.79 -4.73
CA ILE B 237 8.46 6.64 -5.35
C ILE B 237 8.69 6.73 -6.84
N ASN B 238 9.30 5.70 -7.42
CA ASN B 238 9.52 5.69 -8.87
C ASN B 238 8.82 4.51 -9.58
N ILE B 239 7.80 4.84 -10.35
CA ILE B 239 7.04 3.87 -11.13
C ILE B 239 7.04 4.30 -12.57
N ALA B 240 7.98 5.20 -12.89
CA ALA B 240 8.12 5.74 -14.25
C ALA B 240 9.09 4.89 -15.09
N ARG B 241 10.38 5.22 -15.02
CA ARG B 241 11.46 4.51 -15.72
C ARG B 241 12.68 4.56 -14.83
N GLY B 242 13.47 3.50 -14.80
CA GLY B 242 14.65 3.48 -13.93
C GLY B 242 15.65 4.60 -14.15
N LYS B 243 15.83 5.05 -15.39
CA LYS B 243 16.81 6.07 -15.73
C LYS B 243 16.40 7.51 -15.46
N VAL B 244 15.21 7.68 -14.88
CA VAL B 244 14.75 9.02 -14.53
C VAL B 244 15.39 9.35 -13.19
N VAL B 245 16.05 8.36 -12.60
CA VAL B 245 16.71 8.51 -11.31
C VAL B 245 18.16 8.04 -11.38
N ASP B 246 19.06 8.78 -10.72
CA ASP B 246 20.47 8.41 -10.68
C ASP B 246 20.64 7.45 -9.52
N THR B 247 20.61 6.15 -9.81
CA THR B 247 20.73 5.16 -8.75
C THR B 247 21.85 5.45 -7.74
N ASN B 248 23.03 5.80 -8.24
CA ASN B 248 24.16 6.07 -7.35
C ASN B 248 23.85 7.24 -6.42
N ALA B 249 23.32 8.32 -6.98
CA ALA B 249 22.95 9.46 -6.16
C ALA B 249 21.93 9.00 -5.14
N LEU B 250 20.97 8.18 -5.58
CA LEU B 250 19.93 7.70 -4.70
C LEU B 250 20.47 6.85 -3.57
N VAL B 251 21.38 5.93 -3.91
CA VAL B 251 21.96 5.06 -2.90
C VAL B 251 22.71 5.88 -1.86
N LYS B 252 23.33 6.97 -2.29
CA LYS B 252 24.07 7.85 -1.38
C LYS B 252 23.10 8.54 -0.41
N ALA B 253 22.12 9.24 -0.97
CA ALA B 253 21.11 9.92 -0.19
C ALA B 253 20.51 9.01 0.90
N LEU B 254 20.16 7.78 0.54
CA LEU B 254 19.55 6.84 1.49
C LEU B 254 20.49 6.47 2.62
N LYS B 255 21.77 6.29 2.30
CA LYS B 255 22.76 5.93 3.28
C LYS B 255 23.12 7.14 4.12
N GLU B 256 23.05 8.31 3.52
CA GLU B 256 23.39 9.56 4.20
C GLU B 256 22.23 10.32 4.85
N GLY B 257 21.04 9.71 4.92
CA GLY B 257 19.91 10.38 5.53
C GLY B 257 19.36 11.62 4.82
N TRP B 258 19.71 11.82 3.55
CA TRP B 258 19.21 12.99 2.84
C TRP B 258 17.68 12.90 2.70
N ILE B 259 17.18 11.67 2.56
CA ILE B 259 15.77 11.40 2.47
C ILE B 259 15.54 10.17 3.32
N ALA B 260 14.27 9.88 3.60
CA ALA B 260 13.88 8.78 4.47
C ALA B 260 13.79 7.38 3.90
N GLY B 261 13.44 7.28 2.61
CA GLY B 261 13.30 5.97 2.00
C GLY B 261 12.81 6.07 0.57
N ALA B 262 12.81 4.93 -0.11
CA ALA B 262 12.38 4.87 -1.51
C ALA B 262 11.62 3.60 -1.85
N GLY B 263 10.67 3.76 -2.77
CA GLY B 263 9.89 2.66 -3.25
C GLY B 263 10.19 2.69 -4.73
N LEU B 264 10.79 1.60 -5.22
CA LEU B 264 11.19 1.52 -6.64
C LEU B 264 10.58 0.35 -7.40
N ASP B 265 9.93 0.67 -8.53
CA ASP B 265 9.31 -0.38 -9.35
C ASP B 265 10.09 -0.58 -10.62
N VAL B 266 10.96 0.37 -10.94
CA VAL B 266 11.78 0.34 -12.14
C VAL B 266 13.24 0.62 -11.85
N PHE B 267 14.14 0.19 -12.74
CA PHE B 267 15.58 0.35 -12.54
C PHE B 267 16.32 0.63 -13.85
N GLU B 268 17.56 1.12 -13.74
CA GLU B 268 18.32 1.46 -14.94
C GLU B 268 18.63 0.26 -15.85
N GLU B 269 18.72 -0.91 -15.25
CA GLU B 269 18.92 -2.15 -15.96
C GLU B 269 17.92 -3.17 -15.42
N GLU B 270 17.25 -3.91 -16.30
CA GLU B 270 16.28 -4.91 -15.86
C GLU B 270 16.51 -6.24 -16.57
N PRO B 271 16.55 -7.36 -15.81
CA PRO B 271 16.39 -7.32 -14.35
C PRO B 271 17.57 -6.61 -13.73
N TYR B 272 17.48 -6.38 -12.43
CA TYR B 272 18.51 -5.63 -11.73
C TYR B 272 18.95 -6.26 -10.41
N TYR B 273 20.20 -6.01 -10.06
CA TYR B 273 20.77 -6.46 -8.80
C TYR B 273 21.80 -5.42 -8.37
N ASN B 274 21.78 -5.04 -7.10
CA ASN B 274 22.70 -4.04 -6.58
C ASN B 274 22.79 -4.36 -5.12
N GLU B 275 23.88 -4.98 -4.70
CA GLU B 275 24.03 -5.38 -3.30
C GLU B 275 23.84 -4.23 -2.31
N GLU B 276 24.41 -3.06 -2.60
CA GLU B 276 24.30 -1.88 -1.72
C GLU B 276 22.85 -1.46 -1.47
N LEU B 277 22.17 -1.12 -2.55
CA LEU B 277 20.78 -0.72 -2.50
C LEU B 277 19.95 -1.75 -1.71
N PHE B 278 19.99 -3.00 -2.15
CA PHE B 278 19.27 -4.13 -1.55
C PHE B 278 19.60 -4.46 -0.08
N LYS B 279 20.67 -3.88 0.46
CA LYS B 279 21.01 -4.12 1.87
C LYS B 279 20.15 -3.18 2.70
N LEU B 280 19.82 -2.02 2.13
CA LEU B 280 19.02 -0.97 2.76
C LEU B 280 17.59 -1.37 3.22
N ASP B 281 17.24 -0.97 4.44
CA ASP B 281 15.93 -1.28 5.04
C ASP B 281 14.80 -0.31 4.71
N ASN B 282 15.16 0.89 4.26
CA ASN B 282 14.19 1.92 3.95
C ASN B 282 13.89 1.95 2.44
N VAL B 283 14.11 0.83 1.77
CA VAL B 283 13.84 0.72 0.34
C VAL B 283 12.87 -0.47 0.11
N VAL B 284 11.90 -0.28 -0.78
CA VAL B 284 10.92 -1.31 -1.12
C VAL B 284 11.09 -1.43 -2.62
N LEU B 285 11.19 -2.66 -3.10
CA LEU B 285 11.41 -2.93 -4.54
C LEU B 285 10.43 -3.93 -5.15
N THR B 286 10.06 -3.69 -6.41
CA THR B 286 9.16 -4.59 -7.09
C THR B 286 9.72 -4.67 -8.48
N PRO B 287 9.62 -5.86 -9.11
CA PRO B 287 10.14 -6.09 -10.47
C PRO B 287 9.33 -5.57 -11.65
N HIS B 288 9.22 -4.26 -11.74
CA HIS B 288 8.46 -3.64 -12.82
C HIS B 288 7.07 -4.25 -13.00
N ILE B 289 6.30 -4.28 -11.93
CA ILE B 289 4.97 -4.87 -12.01
C ILE B 289 3.86 -3.83 -12.07
N GLY B 290 4.24 -2.56 -12.24
CA GLY B 290 3.29 -1.47 -12.30
C GLY B 290 1.95 -1.79 -12.92
N SER B 291 1.93 -2.29 -14.16
CA SER B 291 0.67 -2.62 -14.81
C SER B 291 0.19 -4.06 -14.63
N ALA B 292 0.81 -4.81 -13.72
CA ALA B 292 0.45 -6.20 -13.51
C ALA B 292 -0.83 -6.53 -12.75
N SER B 293 -1.96 -6.15 -13.32
CA SER B 293 -3.24 -6.50 -12.72
C SER B 293 -3.95 -7.26 -13.85
N PHE B 294 -4.76 -8.24 -13.51
CA PHE B 294 -5.47 -9.02 -14.51
C PHE B 294 -6.17 -8.11 -15.47
N GLY B 295 -6.83 -7.08 -14.92
CA GLY B 295 -7.58 -6.17 -15.76
C GLY B 295 -6.75 -5.38 -16.74
N ALA B 296 -5.66 -4.83 -16.23
CA ALA B 296 -4.79 -4.02 -17.05
C ALA B 296 -4.14 -4.78 -18.20
N ARG B 297 -3.49 -5.90 -17.89
CA ARG B 297 -2.81 -6.68 -18.93
C ARG B 297 -3.82 -7.19 -19.96
N GLU B 298 -5.04 -7.46 -19.52
CA GLU B 298 -6.04 -7.92 -20.46
C GLU B 298 -6.46 -6.78 -21.38
N GLY B 299 -6.63 -5.60 -20.80
CA GLY B 299 -7.02 -4.42 -21.57
C GLY B 299 -5.94 -4.03 -22.59
N MET B 300 -4.68 -4.21 -22.20
CA MET B 300 -3.56 -3.92 -23.07
C MET B 300 -3.62 -4.88 -24.28
N ALA B 301 -3.89 -6.15 -24.00
CA ALA B 301 -3.96 -7.15 -25.06
C ALA B 301 -5.05 -6.76 -26.04
N GLU B 302 -6.22 -6.43 -25.54
CA GLU B 302 -7.34 -6.03 -26.39
C GLU B 302 -7.07 -4.73 -27.17
N LEU B 303 -6.38 -3.77 -26.54
CA LEU B 303 -6.10 -2.51 -27.22
C LEU B 303 -5.13 -2.73 -28.37
N VAL B 304 -4.15 -3.62 -28.18
CA VAL B 304 -3.21 -3.89 -29.25
C VAL B 304 -3.94 -4.52 -30.45
N ALA B 305 -4.88 -5.41 -30.18
CA ALA B 305 -5.61 -6.04 -31.28
C ALA B 305 -6.41 -4.97 -32.03
N LYS B 306 -7.00 -4.03 -31.30
CA LYS B 306 -7.80 -2.97 -31.91
C LYS B 306 -6.96 -2.12 -32.83
N ASN B 307 -5.78 -1.74 -32.38
CA ASN B 307 -4.89 -0.93 -33.21
C ASN B 307 -4.51 -1.64 -34.51
N LEU B 308 -4.08 -2.91 -34.41
CA LEU B 308 -3.67 -3.68 -35.59
C LEU B 308 -4.84 -3.95 -36.53
N ILE B 309 -6.01 -4.23 -35.98
CA ILE B 309 -7.20 -4.49 -36.79
C ILE B 309 -7.74 -3.23 -37.49
N ALA B 310 -7.59 -2.06 -36.87
CA ALA B 310 -8.05 -0.80 -37.46
C ALA B 310 -7.10 -0.43 -38.59
N PHE B 311 -5.81 -0.70 -38.39
CA PHE B 311 -4.79 -0.42 -39.39
C PHE B 311 -5.02 -1.29 -40.64
N LYS B 312 -5.45 -2.53 -40.41
CA LYS B 312 -5.73 -3.44 -41.52
C LYS B 312 -6.80 -2.80 -42.39
N ARG B 313 -7.91 -2.41 -41.76
CA ARG B 313 -9.05 -1.79 -42.45
C ARG B 313 -8.83 -0.35 -42.96
N GLY B 314 -7.57 0.05 -43.11
CA GLY B 314 -7.26 1.40 -43.58
C GLY B 314 -7.81 2.47 -42.67
N GLU B 315 -7.43 2.42 -41.40
CA GLU B 315 -7.88 3.39 -40.43
C GLU B 315 -6.75 3.78 -39.51
N ILE B 316 -6.77 5.02 -39.07
CA ILE B 316 -5.74 5.49 -38.17
C ILE B 316 -5.87 4.72 -36.85
N PRO B 317 -4.75 4.15 -36.39
CA PRO B 317 -4.72 3.38 -35.14
C PRO B 317 -5.26 4.21 -33.98
N PRO B 318 -6.24 3.67 -33.24
CA PRO B 318 -6.82 4.38 -32.10
C PRO B 318 -5.80 5.03 -31.15
N THR B 319 -4.67 4.37 -30.93
CA THR B 319 -3.65 4.92 -30.04
C THR B 319 -2.32 5.08 -30.73
N LEU B 320 -2.36 5.68 -31.92
CA LEU B 320 -1.16 5.93 -32.71
C LEU B 320 -0.24 6.90 -31.97
N VAL B 321 1.05 6.56 -31.88
CA VAL B 321 2.01 7.43 -31.20
C VAL B 321 2.53 8.56 -32.09
N ASN B 322 3.14 8.21 -33.23
CA ASN B 322 3.69 9.19 -34.16
C ASN B 322 2.68 9.53 -35.25
N ARG B 323 1.79 10.48 -34.99
CA ARG B 323 0.77 10.83 -35.98
C ARG B 323 1.37 11.54 -37.18
N GLU B 324 2.64 11.88 -37.08
CA GLU B 324 3.34 12.56 -38.16
C GLU B 324 3.64 11.62 -39.31
N VAL B 325 3.35 10.34 -39.12
CA VAL B 325 3.59 9.34 -40.15
C VAL B 325 2.35 9.21 -41.02
N ILE B 326 1.24 9.79 -40.57
CA ILE B 326 0.01 9.73 -41.35
C ILE B 326 0.33 10.31 -42.73
N LYS B 327 1.25 11.27 -42.77
CA LYS B 327 1.67 11.92 -44.00
C LYS B 327 2.53 10.99 -44.87
N ILE B 328 3.67 10.55 -44.35
CA ILE B 328 4.60 9.66 -45.05
C ILE B 328 3.97 8.45 -45.77
N ARG B 329 2.83 8.00 -45.28
CA ARG B 329 2.11 6.87 -45.87
C ARG B 329 0.78 6.76 -45.15
N LYS B 330 -0.22 6.17 -45.81
CA LYS B 330 -1.53 6.03 -45.19
C LYS B 330 -1.68 4.63 -44.58
N PRO B 331 -2.69 4.43 -43.71
CA PRO B 331 -2.94 3.15 -43.06
C PRO B 331 -3.26 1.96 -44.00
N GLY B 332 -2.54 0.86 -43.82
CA GLY B 332 -2.76 -0.33 -44.64
C GLY B 332 -1.54 -1.21 -44.84
N PHE B 333 -1.69 -2.32 -45.54
CA PHE B 333 -0.57 -3.24 -45.80
C PHE B 333 -0.11 -3.31 -47.28
S SO4 C . -14.96 3.82 22.84
O1 SO4 C . -15.56 5.14 22.45
O2 SO4 C . -15.74 2.69 22.24
O3 SO4 C . -13.54 3.75 22.37
O4 SO4 C . -14.99 3.70 24.34
S SO4 D . -4.30 -0.48 19.17
O1 SO4 D . -3.43 -0.53 20.40
O2 SO4 D . -5.71 -0.20 19.59
O3 SO4 D . -3.79 0.59 18.27
O4 SO4 D . -4.24 -1.80 18.46
PA NAP E . -14.89 2.05 17.20
O1A NAP E . -15.39 2.16 18.59
O2A NAP E . -15.06 3.22 16.31
O5B NAP E . -15.56 0.73 16.58
C5B NAP E . -15.68 0.51 15.17
C4B NAP E . -17.01 -0.18 14.80
O4B NAP E . -17.14 -1.53 15.29
C3B NAP E . -18.24 0.57 15.31
O3B NAP E . -19.00 1.02 14.19
C2B NAP E . -19.01 -0.50 16.08
O2B NAP E . -20.42 -0.30 15.95
C1B NAP E . -18.56 -1.74 15.31
N9A NAP E . -18.92 -3.00 16.00
C8A NAP E . -18.71 -3.32 17.28
N7A NAP E . -19.16 -4.54 17.53
C5A NAP E . -19.69 -5.01 16.41
C6A NAP E . -20.33 -6.20 16.06
N6A NAP E . -20.51 -7.17 16.96
N1A NAP E . -20.77 -6.35 14.80
C2A NAP E . -20.61 -5.41 13.90
N3A NAP E . -20.00 -4.28 14.19
C4A NAP E . -19.53 -4.04 15.43
O3 NAP E . -13.32 1.69 17.33
PN NAP E . -12.17 2.16 16.30
O1N NAP E . -11.49 3.35 16.86
O2N NAP E . -12.65 2.23 14.91
O5D NAP E . -11.18 0.90 16.41
C5D NAP E . -11.70 -0.42 16.27
C4D NAP E . -10.66 -1.46 16.70
O4D NAP E . -9.51 -1.46 15.86
C3D NAP E . -10.06 -1.15 18.07
O3D NAP E . -10.98 -1.48 19.10
C2D NAP E . -8.90 -2.15 18.07
O2D NAP E . -9.36 -3.46 18.42
C1D NAP E . -8.48 -2.13 16.60
N1N NAP E . -7.24 -1.33 16.38
C2N NAP E . -6.14 -1.95 15.78
C3N NAP E . -4.99 -1.21 15.52
C7N NAP E . -3.76 -1.88 14.92
O7N NAP E . -2.64 -1.40 15.08
N7N NAP E . -4.00 -3.02 14.26
C4N NAP E . -4.97 0.14 15.85
C5N NAP E . -6.06 0.76 16.45
C6N NAP E . -7.21 0.03 16.72
P2B NAP E . -21.28 0.39 17.13
O1X NAP E . -21.01 1.98 17.10
O2X NAP E . -22.83 0.20 16.70
O3X NAP E . -21.01 -0.20 18.46
S SO4 F . 1.35 9.22 -25.94
O1 SO4 F . 1.51 8.98 -27.42
O2 SO4 F . 0.12 10.05 -25.71
O3 SO4 F . 1.22 7.91 -25.23
O4 SO4 F . 2.56 9.95 -25.42
S SO4 G . 4.87 0.07 -19.14
O1 SO4 G . 5.48 -0.94 -20.08
O2 SO4 G . 4.30 1.20 -19.95
O3 SO4 G . 3.78 -0.60 -18.35
O4 SO4 G . 5.92 0.59 -18.21
PA NAP H . 1.79 10.60 -20.14
O1A NAP H . 2.02 10.84 -21.59
O2A NAP H . 0.46 10.90 -19.60
O5B NAP H . 2.96 11.37 -19.35
C5B NAP H . 2.74 11.92 -18.04
C4B NAP H . 3.32 13.32 -17.93
O4B NAP H . 4.73 13.39 -18.17
C3B NAP H . 2.68 14.31 -18.92
O3B NAP H . 1.90 15.27 -18.20
C2B NAP H . 3.90 14.99 -19.56
O2B NAP H . 3.63 16.38 -19.75
C1B NAP H . 4.93 14.79 -18.46
N9A NAP H . 6.32 15.06 -18.91
C8A NAP H . 6.93 14.58 -19.99
N7A NAP H . 8.17 15.06 -20.06
C5A NAP H . 8.37 15.83 -19.01
C6A NAP H . 9.42 16.63 -18.55
N6A NAP H . 10.57 16.68 -19.22
N1A NAP H . 9.26 17.37 -17.44
C2A NAP H . 8.12 17.33 -16.75
N3A NAP H . 7.09 16.61 -17.15
C4A NAP H . 7.18 15.85 -18.27
O3 NAP H . 2.14 9.04 -19.88
PN NAP H . 1.48 8.11 -18.74
O1N NAP H . 0.53 7.20 -19.42
O2N NAP H . 1.02 8.86 -17.56
O5D NAP H . 2.78 7.25 -18.31
C5D NAP H . 4.04 7.90 -18.11
C4D NAP H . 5.16 6.86 -17.98
O4D NAP H . 4.92 5.95 -16.91
C3D NAP H . 5.24 5.92 -19.19
O3D NAP H . 5.86 6.59 -20.29
C2D NAP H . 6.17 4.84 -18.63
O2D NAP H . 7.54 5.21 -18.73
C1D NAP H . 5.76 4.80 -17.16
N1N NAP H . 4.96 3.59 -16.86
C2N NAP H . 5.45 2.65 -15.92
C3N NAP H . 4.68 1.54 -15.61
C7N NAP H . 5.21 0.49 -14.63
O7N NAP H . 4.75 -0.66 -14.65
N7N NAP H . 6.16 0.89 -13.80
C4N NAP H . 3.46 1.36 -16.23
C5N NAP H . 2.97 2.27 -17.16
C6N NAP H . 3.72 3.40 -17.48
P2B NAP H . 3.12 16.96 -21.17
O1X NAP H . 4.45 17.30 -22.01
O2X NAP H . 2.38 15.75 -21.95
O3X NAP H . 2.23 18.12 -21.02
#